data_9BD2
#
_entry.id   9BD2
#
_cell.length_a   55.659
_cell.length_b   103.402
_cell.length_c   325.668
_cell.angle_alpha   90.000
_cell.angle_beta   90.000
_cell.angle_gamma   90.000
#
_symmetry.space_group_name_H-M   'C 2 2 21'
#
loop_
_entity.id
_entity.type
_entity.pdbx_description
1 polymer 'Melanoma-associated antigen 3'
2 non-polymer (furan-2-yl)[4-({(5P)-5-(1H-indazol-4-yl)-2-[3-(morpholin-4-yl)propoxy]phenyl}methyl)piperazin-1-yl]methanone
3 water water
#
_entity_poly.entity_id   1
_entity_poly.type   'polypeptide(L)'
_entity_poly.pdbx_seq_one_letter_code
;SMEFQAALSRKVAELVHFLLLKYRAREPVTKAEMLGSVVGNWQYFFPVIFSKASSSLQLVFGIELMEVDPIGHLYIFATC
LGLSYDGLLGDNQIMPKAGLLIIVLAIIAREGDCAPEEKIWEELSVLEVFEGREDSILGDPKKLLTQHFVQENYLEYRQV
PGSDPACYEFLWGPRALVETSYVKVLHHMVKISGGPHISYPPLHEWVLR
;
_entity_poly.pdbx_strand_id   A,B,C
#
loop_
_chem_comp.id
_chem_comp.type
_chem_comp.name
_chem_comp.formula
A1AL3 non-polymer (furan-2-yl)[4-({(5P)-5-(1H-indazol-4-yl)-2-[3-(morpholin-4-yl)propoxy]phenyl}methyl)piperazin-1-yl]methanone 'C30 H35 N5 O4'
#
# COMPACT_ATOMS: atom_id res chain seq x y z
N SER A 1 19.50 -1.01 -22.62
CA SER A 1 19.90 0.10 -21.77
C SER A 1 19.66 1.42 -22.48
N MET A 2 20.32 1.61 -23.64
CA MET A 2 20.19 2.88 -24.35
C MET A 2 18.77 3.07 -24.90
N GLU A 3 18.17 2.00 -25.47
CA GLU A 3 16.77 2.08 -25.89
C GLU A 3 15.88 2.30 -24.67
N PHE A 4 15.99 1.42 -23.68
CA PHE A 4 15.13 1.52 -22.50
C PHE A 4 15.28 2.88 -21.84
N GLN A 5 16.52 3.38 -21.71
CA GLN A 5 16.70 4.70 -21.13
C GLN A 5 16.10 5.79 -22.01
N ALA A 6 16.14 5.64 -23.34
CA ALA A 6 15.49 6.60 -24.22
C ALA A 6 13.99 6.64 -23.99
N ALA A 7 13.37 5.46 -23.88
CA ALA A 7 11.93 5.40 -23.64
C ALA A 7 11.56 5.99 -22.29
N LEU A 8 12.34 5.66 -21.26
CA LEU A 8 12.13 6.23 -19.93
C LEU A 8 12.26 7.75 -19.95
N SER A 9 13.28 8.27 -20.65
CA SER A 9 13.46 9.71 -20.73
C SER A 9 12.32 10.37 -21.50
N ARG A 10 11.80 9.69 -22.53
CA ARG A 10 10.61 10.19 -23.22
C ARG A 10 9.43 10.31 -22.27
N LYS A 11 9.23 9.32 -21.41
CA LYS A 11 8.18 9.43 -20.40
C LYS A 11 8.42 10.61 -19.46
N VAL A 12 9.68 10.81 -19.07
CA VAL A 12 10.03 11.97 -18.23
C VAL A 12 9.64 13.27 -18.93
N ALA A 13 9.97 13.38 -20.23
CA ALA A 13 9.67 14.60 -20.97
C ALA A 13 8.17 14.81 -21.12
N GLU A 14 7.41 13.72 -21.26
CA GLU A 14 5.96 13.84 -21.33
C GLU A 14 5.39 14.33 -20.00
N LEU A 15 5.92 13.83 -18.88
CA LEU A 15 5.45 14.32 -17.58
C LEU A 15 5.85 15.78 -17.38
N VAL A 16 7.02 16.18 -17.87
CA VAL A 16 7.46 17.57 -17.77
C VAL A 16 6.51 18.47 -18.56
N HIS A 17 6.12 18.04 -19.76
CA HIS A 17 5.18 18.82 -20.56
C HIS A 17 3.83 18.93 -19.87
N PHE A 18 3.34 17.82 -19.31
CA PHE A 18 2.07 17.84 -18.59
C PHE A 18 2.11 18.78 -17.40
N LEU A 19 3.18 18.71 -16.60
CA LEU A 19 3.30 19.58 -15.44
C LEU A 19 3.44 21.03 -15.85
N LEU A 20 4.11 21.31 -16.99
CA LEU A 20 4.18 22.67 -17.47
C LEU A 20 2.80 23.19 -17.88
N LEU A 21 1.99 22.34 -18.51
CA LEU A 21 0.62 22.75 -18.82
C LEU A 21 -0.17 23.04 -17.56
N LYS A 22 -0.02 22.20 -16.53
CA LYS A 22 -0.68 22.49 -15.25
C LYS A 22 -0.20 23.81 -14.66
N TYR A 23 1.11 24.09 -14.80
CA TYR A 23 1.66 25.34 -14.27
C TYR A 23 1.09 26.55 -14.98
N ARG A 24 0.96 26.48 -16.30
CA ARG A 24 0.40 27.59 -17.06
C ARG A 24 -1.03 27.89 -16.62
N ALA A 25 -1.83 26.85 -16.39
CA ALA A 25 -3.22 27.01 -15.97
C ALA A 25 -3.35 27.39 -14.49
N ARG A 26 -2.25 27.47 -13.74
CA ARG A 26 -2.28 27.71 -12.30
C ARG A 26 -3.23 26.75 -11.58
N GLU A 27 -3.31 25.51 -12.08
CA GLU A 27 -4.09 24.41 -11.56
C GLU A 27 -3.26 23.51 -10.67
N PRO A 28 -3.81 23.03 -9.56
CA PRO A 28 -3.10 21.99 -8.78
C PRO A 28 -3.14 20.66 -9.50
N VAL A 29 -2.26 19.75 -9.06
CA VAL A 29 -2.13 18.45 -9.70
C VAL A 29 -1.89 17.38 -8.65
N THR A 30 -2.48 16.20 -8.86
CA THR A 30 -2.30 15.06 -7.96
C THR A 30 -1.43 14.01 -8.60
N LYS A 31 -0.92 13.11 -7.75
CA LYS A 31 -0.25 11.91 -8.26
C LYS A 31 -1.17 11.13 -9.19
N ALA A 32 -2.46 11.02 -8.83
CA ALA A 32 -3.40 10.26 -9.64
C ALA A 32 -3.57 10.87 -11.02
N GLU A 33 -3.64 12.20 -11.11
CA GLU A 33 -3.70 12.85 -12.42
C GLU A 33 -2.44 12.55 -13.23
N MET A 34 -1.28 12.54 -12.58
CA MET A 34 -0.02 12.27 -13.28
C MET A 34 0.00 10.85 -13.82
N LEU A 35 -0.50 9.88 -13.04
CA LEU A 35 -0.62 8.52 -13.54
C LEU A 35 -1.64 8.42 -14.67
N GLY A 36 -2.62 9.32 -14.73
CA GLY A 36 -3.45 9.48 -15.89
C GLY A 36 -2.76 10.11 -17.09
N SER A 37 -1.46 10.41 -16.98
CA SER A 37 -0.63 10.84 -18.10
C SER A 37 0.52 9.88 -18.40
N VAL A 38 1.07 9.23 -17.39
CA VAL A 38 2.03 8.14 -17.58
C VAL A 38 1.26 6.94 -18.11
N VAL A 39 1.17 6.83 -19.43
CA VAL A 39 0.21 5.90 -20.04
C VAL A 39 0.72 4.46 -19.88
N GLY A 40 -0.11 3.63 -19.24
CA GLY A 40 0.12 2.20 -19.22
C GLY A 40 1.41 1.80 -18.53
N ASN A 41 2.08 0.81 -19.14
CA ASN A 41 3.29 0.13 -18.67
C ASN A 41 4.09 0.86 -17.61
N TRP A 42 4.41 2.13 -17.86
CA TRP A 42 5.39 2.84 -17.05
C TRP A 42 4.88 3.24 -15.67
N GLN A 43 3.65 2.85 -15.30
CA GLN A 43 3.17 3.10 -13.94
C GLN A 43 4.17 2.64 -12.89
N TYR A 44 4.76 1.45 -13.08
CA TYR A 44 5.70 0.91 -12.11
C TYR A 44 6.90 1.84 -11.90
N PHE A 45 7.29 2.58 -12.94
CA PHE A 45 8.43 3.48 -12.87
C PHE A 45 8.05 4.88 -12.42
N PHE A 46 6.86 5.07 -11.85
CA PHE A 46 6.47 6.42 -11.43
C PHE A 46 7.43 7.07 -10.45
N PRO A 47 8.00 6.38 -9.46
CA PRO A 47 8.94 7.07 -8.55
C PRO A 47 10.10 7.74 -9.27
N VAL A 48 10.77 7.04 -10.18
CA VAL A 48 11.93 7.63 -10.85
C VAL A 48 11.48 8.72 -11.81
N ILE A 49 10.47 8.44 -12.65
CA ILE A 49 9.97 9.41 -13.61
C ILE A 49 9.62 10.72 -12.93
N PHE A 50 8.71 10.66 -11.95
CA PHE A 50 8.38 11.82 -11.13
C PHE A 50 9.65 12.52 -10.65
N SER A 51 10.54 11.75 -10.01
CA SER A 51 11.73 12.37 -9.42
C SER A 51 12.57 13.09 -10.46
N LYS A 52 12.61 12.55 -11.69
CA LYS A 52 13.36 13.26 -12.73
C LYS A 52 12.62 14.51 -13.15
N ALA A 53 11.30 14.39 -13.40
CA ALA A 53 10.54 15.52 -13.92
C ALA A 53 10.60 16.70 -12.97
N SER A 54 10.30 16.45 -11.69
CA SER A 54 10.43 17.48 -10.67
C SER A 54 11.79 18.14 -10.73
N SER A 55 12.85 17.32 -10.78
CA SER A 55 14.20 17.87 -10.85
C SER A 55 14.34 18.79 -12.06
N SER A 56 13.89 18.33 -13.23
CA SER A 56 13.93 19.17 -14.42
C SER A 56 13.27 20.51 -14.14
N LEU A 57 12.07 20.47 -13.55
CA LEU A 57 11.33 21.70 -13.31
C LEU A 57 12.19 22.70 -12.54
N GLN A 58 12.90 22.23 -11.51
CA GLN A 58 13.75 23.13 -10.73
C GLN A 58 14.93 23.61 -11.56
N LEU A 59 15.62 22.68 -12.21
CA LEU A 59 16.93 23.01 -12.76
C LEU A 59 16.81 23.76 -14.08
N VAL A 60 15.94 23.30 -14.96
CA VAL A 60 15.83 23.90 -16.29
C VAL A 60 14.91 25.12 -16.28
N PHE A 61 13.76 25.02 -15.62
CA PHE A 61 12.71 26.01 -15.74
C PHE A 61 12.58 26.93 -14.53
N GLY A 62 13.24 26.62 -13.42
CA GLY A 62 13.08 27.44 -12.24
C GLY A 62 11.70 27.36 -11.62
N ILE A 63 11.05 26.21 -11.70
CA ILE A 63 9.71 26.00 -11.14
C ILE A 63 9.81 24.91 -10.09
N GLU A 64 9.28 25.18 -8.89
CA GLU A 64 9.30 24.24 -7.78
C GLU A 64 7.91 23.61 -7.61
N LEU A 65 7.88 22.29 -7.67
CA LEU A 65 6.68 21.51 -7.40
C LEU A 65 6.62 21.23 -5.90
N MET A 66 5.52 21.62 -5.25
CA MET A 66 5.44 21.58 -3.79
C MET A 66 4.22 20.76 -3.38
N GLU A 67 4.46 19.74 -2.55
CA GLU A 67 3.38 18.92 -2.00
C GLU A 67 2.69 19.67 -0.87
N VAL A 68 1.38 19.87 -1.01
CA VAL A 68 0.61 20.53 0.05
C VAL A 68 -0.26 19.54 0.83
N ASP A 69 -0.53 18.36 0.27
CA ASP A 69 -1.31 17.33 0.95
C ASP A 69 -0.56 16.01 0.85
N PRO A 70 0.14 15.59 1.90
CA PRO A 70 0.90 14.33 1.83
C PRO A 70 0.00 13.11 1.68
N ILE A 71 -1.21 13.15 2.22
CA ILE A 71 -2.10 12.00 2.16
C ILE A 71 -2.71 11.86 0.76
N GLY A 72 -3.32 12.93 0.25
CA GLY A 72 -3.91 12.89 -1.07
C GLY A 72 -2.93 13.06 -2.21
N HIS A 73 -1.67 13.42 -1.92
CA HIS A 73 -0.65 13.67 -2.93
C HIS A 73 -1.09 14.78 -3.89
N LEU A 74 -1.33 15.95 -3.31
CA LEU A 74 -1.72 17.14 -4.07
C LEU A 74 -0.52 18.10 -4.15
N TYR A 75 -0.27 18.63 -5.34
CA TYR A 75 0.89 19.45 -5.60
C TYR A 75 0.47 20.80 -6.19
N ILE A 76 1.20 21.85 -5.80
CA ILE A 76 1.06 23.16 -6.42
C ILE A 76 2.43 23.57 -6.96
N PHE A 77 2.50 24.75 -7.57
CA PHE A 77 3.72 25.24 -8.18
C PHE A 77 4.10 26.59 -7.57
N ALA A 78 5.40 26.85 -7.53
CA ALA A 78 5.91 28.17 -7.20
C ALA A 78 7.09 28.47 -8.11
N THR A 79 7.30 29.74 -8.40
CA THR A 79 8.54 30.13 -9.05
C THR A 79 9.67 30.09 -8.03
N CYS A 80 10.82 29.55 -8.43
CA CYS A 80 11.97 29.48 -7.54
C CYS A 80 12.31 30.88 -7.03
N LEU A 81 12.69 30.93 -5.75
CA LEU A 81 13.04 32.16 -5.04
C LEU A 81 11.91 33.18 -4.99
N GLY A 82 10.70 32.78 -5.39
CA GLY A 82 9.55 33.66 -5.33
C GLY A 82 9.52 34.77 -6.36
N LEU A 83 10.34 34.69 -7.42
CA LEU A 83 10.38 35.75 -8.41
C LEU A 83 9.01 35.95 -9.06
N SER A 84 8.68 37.22 -9.35
CA SER A 84 7.42 37.56 -9.99
C SER A 84 7.45 37.39 -11.50
N TYR A 85 8.51 36.80 -12.05
CA TYR A 85 8.70 36.71 -13.48
C TYR A 85 9.01 35.26 -13.85
N ASP A 86 8.35 34.74 -14.88
CA ASP A 86 8.71 33.44 -15.44
C ASP A 86 8.97 33.48 -16.95
N GLY A 87 8.89 34.65 -17.57
CA GLY A 87 9.23 34.79 -18.98
C GLY A 87 8.19 34.26 -19.96
N LEU A 88 6.99 33.94 -19.50
CA LEU A 88 5.95 33.38 -20.35
C LEU A 88 5.15 34.50 -21.05
N LEU A 89 4.35 34.10 -22.04
CA LEU A 89 3.58 35.04 -22.86
C LEU A 89 2.25 34.39 -23.19
N GLY A 90 1.21 34.72 -22.42
CA GLY A 90 -0.08 34.11 -22.62
C GLY A 90 0.02 32.59 -22.57
N ASP A 91 -0.65 31.94 -23.51
CA ASP A 91 -0.63 30.49 -23.62
C ASP A 91 0.33 30.00 -24.69
N ASN A 92 1.24 30.84 -25.16
CA ASN A 92 2.21 30.43 -26.16
C ASN A 92 3.19 29.42 -25.57
N GLN A 93 3.52 28.40 -26.37
CA GLN A 93 4.32 27.26 -25.90
C GLN A 93 5.80 27.64 -25.91
N ILE A 94 6.17 28.54 -25.01
CA ILE A 94 7.55 28.96 -24.86
C ILE A 94 8.03 28.59 -23.46
N MET A 95 9.33 28.49 -23.33
CA MET A 95 9.95 27.91 -22.15
C MET A 95 10.00 28.93 -21.02
N PRO A 96 9.60 28.56 -19.80
CA PRO A 96 9.82 29.45 -18.66
C PRO A 96 11.29 29.81 -18.51
N LYS A 97 11.56 31.06 -18.13
CA LYS A 97 12.93 31.60 -18.18
C LYS A 97 13.54 31.87 -16.80
N ALA A 98 12.82 31.55 -15.71
CA ALA A 98 13.31 31.91 -14.38
C ALA A 98 14.59 31.16 -13.99
N GLY A 99 14.76 29.92 -14.46
CA GLY A 99 15.98 29.19 -14.16
C GLY A 99 17.21 29.84 -14.75
N LEU A 100 17.12 30.29 -16.00
CA LEU A 100 18.26 30.95 -16.64
C LEU A 100 18.53 32.32 -16.01
N LEU A 101 17.46 33.05 -15.65
CA LEU A 101 17.64 34.29 -14.91
C LEU A 101 18.41 34.06 -13.62
N ILE A 102 18.07 33.00 -12.90
CA ILE A 102 18.74 32.74 -11.62
C ILE A 102 20.19 32.34 -11.86
N ILE A 103 20.46 31.56 -12.91
CA ILE A 103 21.85 31.22 -13.25
C ILE A 103 22.68 32.49 -13.48
N VAL A 104 22.14 33.45 -14.25
CA VAL A 104 22.90 34.67 -14.51
C VAL A 104 23.11 35.45 -13.23
N LEU A 105 22.05 35.62 -12.43
CA LEU A 105 22.20 36.27 -11.13
C LEU A 105 23.29 35.60 -10.28
N ALA A 106 23.37 34.27 -10.37
CA ALA A 106 24.34 33.54 -9.56
C ALA A 106 25.76 33.78 -10.04
N ILE A 107 25.97 33.82 -11.36
CA ILE A 107 27.31 34.15 -11.87
C ILE A 107 27.73 35.52 -11.36
N ILE A 108 26.82 36.49 -11.43
CA ILE A 108 27.15 37.84 -10.96
C ILE A 108 27.50 37.82 -9.47
N ALA A 109 26.65 37.17 -8.66
CA ALA A 109 26.88 37.09 -7.23
C ALA A 109 28.20 36.38 -6.91
N ARG A 110 28.56 35.37 -7.70
CA ARG A 110 29.83 34.70 -7.52
C ARG A 110 30.99 35.66 -7.75
N GLU A 111 30.89 36.50 -8.79
CA GLU A 111 31.99 37.41 -9.09
C GLU A 111 32.04 38.60 -8.15
N GLY A 112 30.92 39.01 -7.56
CA GLY A 112 30.91 40.17 -6.70
C GLY A 112 29.85 41.19 -7.09
N ASP A 113 30.26 42.46 -7.24
CA ASP A 113 29.31 43.50 -7.62
C ASP A 113 28.85 43.36 -9.07
N CYS A 114 29.70 42.84 -9.94
CA CYS A 114 29.38 42.77 -11.36
C CYS A 114 30.23 41.68 -12.01
N ALA A 115 29.90 41.39 -13.27
CA ALA A 115 30.59 40.37 -14.03
C ALA A 115 30.76 40.88 -15.46
N PRO A 116 31.96 40.76 -16.03
CA PRO A 116 32.13 41.11 -17.45
C PRO A 116 31.21 40.25 -18.31
N GLU A 117 30.68 40.86 -19.38
CA GLU A 117 29.74 40.13 -20.22
C GLU A 117 30.37 38.89 -20.83
N GLU A 118 31.69 38.90 -21.02
CA GLU A 118 32.38 37.74 -21.59
C GLU A 118 32.24 36.52 -20.68
N LYS A 119 32.31 36.73 -19.37
CA LYS A 119 32.10 35.62 -18.45
C LYS A 119 30.69 35.06 -18.57
N ILE A 120 29.69 35.95 -18.70
CA ILE A 120 28.31 35.51 -18.87
C ILE A 120 28.17 34.69 -20.15
N TRP A 121 28.74 35.18 -21.25
CA TRP A 121 28.64 34.46 -22.52
C TRP A 121 29.32 33.10 -22.44
N GLU A 122 30.53 33.06 -21.85
CA GLU A 122 31.25 31.80 -21.70
C GLU A 122 30.45 30.79 -20.89
N GLU A 123 29.88 31.24 -19.77
CA GLU A 123 29.13 30.32 -18.92
C GLU A 123 27.85 29.85 -19.59
N LEU A 124 27.15 30.75 -20.29
CA LEU A 124 25.88 30.36 -20.91
C LEU A 124 26.11 29.45 -22.12
N SER A 125 27.25 29.59 -22.80
CA SER A 125 27.49 28.83 -24.01
C SER A 125 27.61 27.33 -23.79
N VAL A 126 27.76 26.87 -22.54
CA VAL A 126 27.87 25.43 -22.28
C VAL A 126 26.52 24.79 -22.04
N LEU A 127 25.44 25.57 -21.96
CA LEU A 127 24.12 25.01 -21.71
C LEU A 127 23.50 24.52 -23.01
N GLU A 128 23.05 23.27 -23.00
CA GLU A 128 22.50 22.62 -24.19
C GLU A 128 21.20 23.26 -24.68
N VAL A 129 20.55 24.10 -23.87
CA VAL A 129 19.30 24.72 -24.26
C VAL A 129 19.46 25.59 -25.51
N PHE A 130 20.68 26.06 -25.77
CA PHE A 130 20.94 26.93 -26.91
C PHE A 130 21.26 26.16 -28.19
N GLU A 131 21.39 24.83 -28.10
CA GLU A 131 21.44 23.89 -29.21
C GLU A 131 22.16 24.41 -30.46
N GLY A 132 23.33 25.02 -30.29
CA GLY A 132 24.17 25.38 -31.43
C GLY A 132 23.56 26.38 -32.39
N ARG A 133 22.70 27.27 -31.90
CA ARG A 133 22.08 28.29 -32.74
C ARG A 133 22.64 29.68 -32.44
N GLU A 134 23.92 29.75 -32.04
CA GLU A 134 24.55 31.04 -31.76
C GLU A 134 24.60 31.93 -32.99
N ASP A 135 24.57 31.33 -34.18
CA ASP A 135 24.74 32.07 -35.43
C ASP A 135 23.42 32.55 -36.03
N SER A 136 22.36 32.63 -35.24
CA SER A 136 21.07 33.08 -35.74
C SER A 136 21.20 34.50 -36.30
N ILE A 137 20.56 34.73 -37.45
CA ILE A 137 20.57 36.05 -38.08
C ILE A 137 20.01 37.10 -37.12
N LEU A 138 18.93 36.75 -36.41
CA LEU A 138 18.33 37.69 -35.47
C LEU A 138 19.31 38.11 -34.38
N GLY A 139 20.23 37.24 -34.00
CA GLY A 139 21.18 37.51 -32.94
C GLY A 139 21.33 36.29 -32.06
N ASP A 140 22.47 36.21 -31.38
CA ASP A 140 22.78 35.09 -30.50
C ASP A 140 21.71 34.97 -29.42
N PRO A 141 20.96 33.86 -29.38
CA PRO A 141 19.83 33.77 -28.45
C PRO A 141 20.17 33.98 -26.98
N LYS A 142 21.36 33.58 -26.52
CA LYS A 142 21.70 33.81 -25.11
C LYS A 142 21.87 35.31 -24.82
N LYS A 143 22.35 36.08 -25.78
CA LYS A 143 22.47 37.52 -25.56
C LYS A 143 21.11 38.21 -25.61
N LEU A 144 20.24 37.83 -26.56
CA LEU A 144 18.88 38.36 -26.55
C LEU A 144 18.13 37.99 -25.28
N LEU A 145 18.41 36.81 -24.72
CA LEU A 145 17.79 36.41 -23.45
C LEU A 145 18.23 37.31 -22.31
N THR A 146 19.54 37.56 -22.21
CA THR A 146 19.98 38.53 -21.21
C THR A 146 19.33 39.89 -21.44
N GLN A 147 19.03 40.23 -22.69
CA GLN A 147 18.30 41.48 -22.95
C GLN A 147 16.92 41.45 -22.31
N HIS A 148 16.22 40.31 -22.43
CA HIS A 148 14.98 40.13 -21.65
C HIS A 148 15.21 40.47 -20.19
N PHE A 149 16.27 39.92 -19.60
CA PHE A 149 16.47 40.09 -18.15
C PHE A 149 16.81 41.54 -17.80
N VAL A 150 17.52 42.25 -18.69
CA VAL A 150 17.83 43.65 -18.46
C VAL A 150 16.58 44.51 -18.58
N GLN A 151 15.74 44.23 -19.57
CA GLN A 151 14.53 45.03 -19.77
C GLN A 151 13.50 44.84 -18.66
N GLU A 152 13.53 43.71 -17.96
CA GLU A 152 12.64 43.51 -16.82
C GLU A 152 13.22 44.08 -15.53
N ASN A 153 14.40 44.69 -15.58
CA ASN A 153 15.08 45.33 -14.46
C ASN A 153 15.62 44.33 -13.44
N TYR A 154 15.76 43.07 -13.81
CA TYR A 154 16.48 42.12 -12.96
C TYR A 154 17.98 42.27 -13.12
N LEU A 155 18.44 42.74 -14.28
CA LEU A 155 19.84 43.00 -14.54
C LEU A 155 20.02 44.44 -14.95
N GLU A 156 21.23 44.95 -14.71
CA GLU A 156 21.68 46.21 -15.25
C GLU A 156 22.90 45.92 -16.13
N TYR A 157 22.96 46.57 -17.28
CA TYR A 157 24.04 46.40 -18.24
C TYR A 157 24.70 47.74 -18.47
N ARG A 158 26.02 47.81 -18.29
CA ARG A 158 26.67 49.10 -18.38
C ARG A 158 28.10 48.94 -18.85
N GLN A 159 28.65 50.03 -19.38
CA GLN A 159 30.06 50.05 -19.72
C GLN A 159 30.91 50.00 -18.46
N VAL A 160 31.99 49.22 -18.50
CA VAL A 160 32.98 49.20 -17.43
C VAL A 160 33.57 50.59 -17.32
N PRO A 161 33.46 51.25 -16.16
CA PRO A 161 33.87 52.65 -16.04
C PRO A 161 35.33 52.86 -16.43
N GLY A 162 35.54 53.73 -17.41
CA GLY A 162 36.89 54.09 -17.82
C GLY A 162 37.54 53.15 -18.80
N SER A 163 36.80 52.28 -19.44
CA SER A 163 37.35 51.32 -20.38
C SER A 163 37.48 51.93 -21.77
N ASP A 164 38.63 51.71 -22.41
CA ASP A 164 38.86 52.18 -23.77
C ASP A 164 39.72 51.18 -24.53
N PRO A 165 39.16 50.50 -25.56
CA PRO A 165 37.78 50.64 -26.02
C PRO A 165 36.74 50.12 -25.02
N ALA A 166 35.47 50.42 -25.28
CA ALA A 166 34.41 50.14 -24.31
C ALA A 166 34.29 48.65 -24.04
N CYS A 167 34.27 48.29 -22.76
CA CYS A 167 33.91 46.96 -22.29
C CYS A 167 32.65 47.08 -21.45
N TYR A 168 31.90 45.98 -21.34
CA TYR A 168 30.60 46.02 -20.72
C TYR A 168 30.46 44.92 -19.67
N GLU A 169 29.59 45.18 -18.69
CA GLU A 169 29.42 44.29 -17.54
C GLU A 169 27.96 44.28 -17.10
N PHE A 170 27.60 43.20 -16.41
CA PHE A 170 26.27 42.98 -15.84
C PHE A 170 26.33 43.11 -14.32
N LEU A 171 25.30 43.73 -13.75
CA LEU A 171 25.09 43.78 -12.31
C LEU A 171 23.65 43.40 -12.03
N TRP A 172 23.35 43.15 -10.75
CA TRP A 172 21.98 42.95 -10.32
C TRP A 172 21.19 44.24 -10.49
N GLY A 173 20.00 44.14 -11.10
CA GLY A 173 19.12 45.27 -11.23
C GLY A 173 18.28 45.47 -9.99
N PRO A 174 17.58 46.61 -9.94
CA PRO A 174 16.78 46.93 -8.74
C PRO A 174 15.72 45.88 -8.42
N ARG A 175 15.10 45.28 -9.46
CA ARG A 175 14.08 44.28 -9.22
C ARG A 175 14.66 43.01 -8.59
N ALA A 176 15.84 42.60 -9.05
CA ALA A 176 16.51 41.46 -8.44
C ALA A 176 16.85 41.73 -6.99
N LEU A 177 17.28 42.96 -6.67
CA LEU A 177 17.63 43.29 -5.30
C LEU A 177 16.41 43.39 -4.40
N VAL A 178 15.26 43.77 -4.96
CA VAL A 178 14.04 43.82 -4.17
C VAL A 178 13.48 42.42 -3.94
N GLU A 179 13.50 41.56 -4.95
CA GLU A 179 12.80 40.29 -4.89
C GLU A 179 13.60 39.18 -4.23
N THR A 180 14.93 39.25 -4.24
CA THR A 180 15.75 38.18 -3.68
C THR A 180 17.04 38.80 -3.13
N SER A 181 18.05 37.97 -2.91
CA SER A 181 19.29 38.42 -2.28
C SER A 181 20.43 37.49 -2.70
N TYR A 182 21.65 37.96 -2.46
CA TYR A 182 22.84 37.19 -2.80
C TYR A 182 22.84 35.84 -2.09
N VAL A 183 22.52 35.84 -0.79
CA VAL A 183 22.57 34.60 -0.02
C VAL A 183 21.53 33.61 -0.53
N LYS A 184 20.33 34.09 -0.86
CA LYS A 184 19.27 33.18 -1.31
C LYS A 184 19.61 32.57 -2.67
N VAL A 185 20.18 33.36 -3.57
CA VAL A 185 20.56 32.83 -4.87
C VAL A 185 21.70 31.82 -4.73
N LEU A 186 22.75 32.19 -3.98
CA LEU A 186 23.88 31.27 -3.82
C LEU A 186 23.45 29.99 -3.11
N HIS A 187 22.55 30.11 -2.12
CA HIS A 187 22.04 28.93 -1.45
C HIS A 187 21.24 28.06 -2.40
N HIS A 188 20.39 28.68 -3.22
CA HIS A 188 19.62 27.93 -4.20
C HIS A 188 20.54 27.14 -5.13
N MET A 189 21.61 27.79 -5.60
CA MET A 189 22.56 27.13 -6.49
C MET A 189 23.22 25.94 -5.79
N VAL A 190 23.65 26.11 -4.53
CA VAL A 190 24.28 25.01 -3.81
C VAL A 190 23.27 23.88 -3.60
N LYS A 191 22.00 24.24 -3.37
CA LYS A 191 20.98 23.25 -3.05
C LYS A 191 20.61 22.41 -4.27
N ILE A 192 20.31 23.06 -5.40
CA ILE A 192 19.74 22.33 -6.53
C ILE A 192 20.78 21.60 -7.36
N SER A 193 22.06 21.90 -7.17
CA SER A 193 23.12 21.17 -7.86
C SER A 193 23.65 20.01 -7.02
N GLY A 194 23.26 19.90 -5.76
CA GLY A 194 23.98 19.09 -4.81
C GLY A 194 25.29 19.78 -4.48
N GLY A 195 25.91 19.44 -3.35
CA GLY A 195 27.21 19.97 -3.03
C GLY A 195 28.19 19.69 -4.16
N PRO A 196 28.85 20.74 -4.66
CA PRO A 196 29.74 20.57 -5.82
C PRO A 196 30.97 19.72 -5.50
N HIS A 197 31.92 19.66 -6.44
CA HIS A 197 33.08 18.80 -6.26
C HIS A 197 34.31 19.32 -6.98
N ILE A 198 34.69 18.63 -8.06
CA ILE A 198 35.92 18.86 -8.84
C ILE A 198 37.15 18.96 -7.94
N SER A 199 37.18 18.13 -6.89
CA SER A 199 38.36 18.08 -6.03
C SER A 199 39.59 17.66 -6.82
N TYR A 200 40.72 18.28 -6.49
CA TYR A 200 41.97 17.90 -7.13
C TYR A 200 42.32 16.46 -6.81
N PRO A 201 42.86 15.70 -7.75
CA PRO A 201 43.22 14.30 -7.49
C PRO A 201 44.49 14.24 -6.66
N PRO A 202 44.87 13.05 -6.18
CA PRO A 202 46.14 12.91 -5.45
C PRO A 202 47.37 13.37 -6.23
N LEU A 203 47.38 14.64 -6.64
CA LEU A 203 48.60 15.38 -6.97
C LEU A 203 48.94 16.39 -5.88
N HIS A 204 48.43 16.17 -4.66
CA HIS A 204 48.75 17.00 -3.52
C HIS A 204 49.36 16.20 -2.37
N GLU A 205 49.60 14.91 -2.56
CA GLU A 205 50.24 14.06 -1.55
C GLU A 205 51.51 13.44 -2.14
N TRP A 206 52.51 13.28 -1.29
CA TRP A 206 53.82 12.79 -1.71
C TRP A 206 53.99 11.33 -1.32
N VAL A 207 54.33 10.49 -2.30
CA VAL A 207 54.41 9.05 -2.06
C VAL A 207 55.61 8.68 -1.18
N LEU A 208 56.60 9.57 -1.05
CA LEU A 208 57.68 9.43 -0.07
C LEU A 208 58.43 8.10 -0.24
N ARG A 209 58.46 7.59 -1.46
CA ARG A 209 59.09 6.29 -1.71
C ARG A 209 60.60 6.43 -1.86
N SER B 1 -14.75 -25.37 47.05
CA SER B 1 -14.64 -24.02 46.52
C SER B 1 -13.99 -24.01 45.14
N MET B 2 -12.73 -24.45 45.06
CA MET B 2 -12.09 -24.59 43.76
C MET B 2 -12.85 -25.57 42.88
N GLU B 3 -13.25 -26.71 43.45
CA GLU B 3 -14.09 -27.66 42.74
C GLU B 3 -15.44 -27.04 42.37
N PHE B 4 -16.05 -26.34 43.32
CA PHE B 4 -17.32 -25.67 43.04
C PHE B 4 -17.16 -24.60 41.97
N GLN B 5 -16.08 -23.82 42.03
CA GLN B 5 -15.88 -22.77 41.04
C GLN B 5 -15.60 -23.35 39.66
N ALA B 6 -14.89 -24.48 39.59
CA ALA B 6 -14.69 -25.14 38.29
C ALA B 6 -16.01 -25.65 37.72
N ALA B 7 -16.88 -26.22 38.57
CA ALA B 7 -18.19 -26.66 38.10
C ALA B 7 -19.03 -25.47 37.62
N LEU B 8 -18.98 -24.36 38.36
CA LEU B 8 -19.65 -23.13 37.94
C LEU B 8 -19.14 -22.66 36.58
N SER B 9 -17.82 -22.71 36.37
CA SER B 9 -17.24 -22.31 35.09
C SER B 9 -17.73 -23.21 33.98
N ARG B 10 -17.87 -24.51 34.25
CA ARG B 10 -18.42 -25.42 33.25
C ARG B 10 -19.84 -25.01 32.85
N LYS B 11 -20.66 -24.65 33.84
CA LYS B 11 -22.02 -24.18 33.52
C LYS B 11 -21.96 -22.91 32.67
N VAL B 12 -21.05 -22.00 33.01
CA VAL B 12 -20.90 -20.76 32.25
C VAL B 12 -20.54 -21.06 30.80
N ALA B 13 -19.59 -21.97 30.59
CA ALA B 13 -19.17 -22.31 29.24
C ALA B 13 -20.31 -22.94 28.45
N GLU B 14 -21.07 -23.84 29.08
CA GLU B 14 -22.22 -24.43 28.41
C GLU B 14 -23.23 -23.35 27.99
N LEU B 15 -23.48 -22.37 28.87
CA LEU B 15 -24.42 -21.32 28.53
C LEU B 15 -23.90 -20.45 27.40
N VAL B 16 -22.59 -20.17 27.39
CA VAL B 16 -22.01 -19.39 26.29
C VAL B 16 -22.20 -20.12 24.97
N HIS B 17 -21.92 -21.42 24.95
CA HIS B 17 -22.09 -22.20 23.72
C HIS B 17 -23.55 -22.20 23.27
N PHE B 18 -24.49 -22.39 24.21
CA PHE B 18 -25.91 -22.38 23.87
C PHE B 18 -26.31 -21.05 23.25
N LEU B 19 -25.91 -19.93 23.88
CA LEU B 19 -26.28 -18.62 23.37
C LEU B 19 -25.64 -18.35 22.02
N LEU B 20 -24.43 -18.87 21.77
CA LEU B 20 -23.83 -18.72 20.44
C LEU B 20 -24.64 -19.48 19.41
N LEU B 21 -25.10 -20.69 19.74
CA LEU B 21 -25.96 -21.44 18.82
C LEU B 21 -27.22 -20.65 18.52
N LYS B 22 -27.83 -20.03 19.53
CA LYS B 22 -29.02 -19.22 19.29
C LYS B 22 -28.70 -18.01 18.41
N TYR B 23 -27.55 -17.39 18.65
CA TYR B 23 -27.16 -16.21 17.86
C TYR B 23 -26.95 -16.57 16.40
N ARG B 24 -26.30 -17.70 16.13
CA ARG B 24 -26.09 -18.12 14.74
C ARG B 24 -27.41 -18.37 14.03
N ALA B 25 -28.39 -18.90 14.74
CA ALA B 25 -29.70 -19.19 14.17
C ALA B 25 -30.60 -17.96 14.09
N ARG B 26 -30.12 -16.80 14.55
CA ARG B 26 -30.90 -15.56 14.57
C ARG B 26 -32.21 -15.74 15.35
N GLU B 27 -32.16 -16.56 16.39
CA GLU B 27 -33.27 -16.84 17.28
C GLU B 27 -33.16 -16.02 18.55
N PRO B 28 -34.28 -15.55 19.11
CA PRO B 28 -34.24 -14.98 20.45
C PRO B 28 -34.10 -16.08 21.50
N VAL B 29 -34.08 -15.71 22.78
CA VAL B 29 -33.89 -16.69 23.84
C VAL B 29 -34.64 -16.21 25.08
N THR B 30 -35.23 -17.16 25.80
CA THR B 30 -35.93 -16.88 27.04
C THR B 30 -35.16 -17.48 28.22
N LYS B 31 -35.45 -16.96 29.41
CA LYS B 31 -34.91 -17.55 30.63
C LYS B 31 -35.35 -19.01 30.77
N ALA B 32 -36.59 -19.30 30.37
CA ALA B 32 -37.09 -20.68 30.44
C ALA B 32 -36.23 -21.63 29.62
N GLU B 33 -35.87 -21.22 28.40
CA GLU B 33 -35.04 -22.07 27.55
C GLU B 33 -33.65 -22.26 28.16
N MET B 34 -33.06 -21.18 28.68
CA MET B 34 -31.74 -21.29 29.30
C MET B 34 -31.76 -22.25 30.48
N LEU B 35 -32.81 -22.18 31.30
CA LEU B 35 -32.91 -23.07 32.45
C LEU B 35 -33.13 -24.51 32.00
N GLY B 36 -34.00 -24.73 31.02
CA GLY B 36 -34.33 -26.09 30.61
C GLY B 36 -33.30 -26.78 29.75
N SER B 37 -32.41 -26.02 29.09
CA SER B 37 -31.44 -26.62 28.19
C SER B 37 -30.03 -26.66 28.75
N VAL B 38 -29.70 -25.81 29.71
CA VAL B 38 -28.31 -25.72 30.19
C VAL B 38 -28.25 -25.72 31.71
N VAL B 39 -28.89 -24.74 32.34
CA VAL B 39 -28.63 -24.47 33.75
C VAL B 39 -29.20 -25.58 34.63
N GLY B 40 -30.47 -25.94 34.43
CA GLY B 40 -31.04 -27.06 35.15
C GLY B 40 -31.08 -26.85 36.66
N ASN B 41 -30.57 -27.83 37.40
CA ASN B 41 -30.57 -27.76 38.85
C ASN B 41 -29.57 -26.76 39.41
N TRP B 42 -28.77 -26.12 38.56
CA TRP B 42 -28.02 -24.94 38.95
C TRP B 42 -28.89 -23.69 38.99
N GLN B 43 -30.21 -23.85 38.87
CA GLN B 43 -31.18 -22.76 38.82
C GLN B 43 -30.86 -21.60 39.77
N TYR B 44 -30.55 -21.91 41.03
CA TYR B 44 -30.36 -20.86 42.03
C TYR B 44 -29.25 -19.89 41.64
N PHE B 45 -28.23 -20.38 40.94
CA PHE B 45 -27.10 -19.58 40.52
C PHE B 45 -27.26 -18.98 39.13
N PHE B 46 -28.48 -18.99 38.57
CA PHE B 46 -28.68 -18.36 37.26
C PHE B 46 -28.19 -16.92 37.20
N PRO B 47 -28.44 -16.04 38.18
CA PRO B 47 -27.91 -14.67 38.08
C PRO B 47 -26.42 -14.59 37.80
N VAL B 48 -25.59 -15.35 38.51
CA VAL B 48 -24.14 -15.24 38.30
C VAL B 48 -23.74 -15.90 36.98
N ILE B 49 -24.25 -17.11 36.72
CA ILE B 49 -23.93 -17.83 35.49
C ILE B 49 -24.23 -16.95 34.28
N PHE B 50 -25.51 -16.54 34.16
CA PHE B 50 -25.89 -15.63 33.09
C PHE B 50 -24.98 -14.42 33.07
N SER B 51 -24.74 -13.80 34.23
CA SER B 51 -23.93 -12.59 34.27
C SER B 51 -22.54 -12.85 33.75
N LYS B 52 -22.00 -14.05 34.01
CA LYS B 52 -20.68 -14.37 33.47
C LYS B 52 -20.78 -14.62 31.97
N ALA B 53 -21.77 -15.41 31.56
CA ALA B 53 -21.90 -15.76 30.15
C ALA B 53 -22.08 -14.50 29.31
N SER B 54 -23.04 -13.65 29.69
CA SER B 54 -23.21 -12.37 29.03
C SER B 54 -21.89 -11.63 28.92
N SER B 55 -21.15 -11.55 30.03
CA SER B 55 -19.86 -10.86 30.01
C SER B 55 -18.97 -11.43 28.92
N SER B 56 -18.83 -12.76 28.89
CA SER B 56 -18.02 -13.40 27.87
C SER B 56 -18.46 -12.95 26.48
N LEU B 57 -19.78 -13.01 26.23
CA LEU B 57 -20.28 -12.69 24.90
C LEU B 57 -19.93 -11.26 24.51
N GLN B 58 -19.91 -10.35 25.49
CA GLN B 58 -19.52 -8.97 25.17
C GLN B 58 -18.03 -8.88 24.89
N LEU B 59 -17.21 -9.55 25.70
CA LEU B 59 -15.77 -9.36 25.61
C LEU B 59 -15.20 -10.08 24.40
N VAL B 60 -15.51 -11.37 24.27
CA VAL B 60 -14.86 -12.20 23.26
C VAL B 60 -15.52 -12.03 21.90
N PHE B 61 -16.85 -12.01 21.84
CA PHE B 61 -17.57 -12.10 20.59
C PHE B 61 -18.22 -10.80 20.15
N GLY B 62 -18.29 -9.79 21.01
CA GLY B 62 -19.01 -8.57 20.67
C GLY B 62 -20.51 -8.75 20.52
N ILE B 63 -21.11 -9.66 21.28
CA ILE B 63 -22.53 -9.94 21.21
C ILE B 63 -23.17 -9.49 22.53
N GLU B 64 -24.29 -8.79 22.44
CA GLU B 64 -25.01 -8.29 23.60
C GLU B 64 -26.40 -8.92 23.68
N LEU B 65 -26.79 -9.31 24.89
CA LEU B 65 -28.15 -9.75 25.18
C LEU B 65 -28.95 -8.57 25.70
N MET B 66 -30.17 -8.41 25.18
CA MET B 66 -31.04 -7.32 25.60
C MET B 66 -32.36 -7.93 26.03
N GLU B 67 -32.71 -7.75 27.31
CA GLU B 67 -34.02 -8.14 27.79
C GLU B 67 -35.06 -7.17 27.23
N VAL B 68 -36.01 -7.69 26.47
CA VAL B 68 -37.05 -6.86 25.88
C VAL B 68 -38.39 -7.04 26.55
N ASP B 69 -38.61 -8.15 27.25
CA ASP B 69 -39.83 -8.35 28.03
C ASP B 69 -39.46 -8.79 29.43
N PRO B 70 -39.61 -7.91 30.44
CA PRO B 70 -39.16 -8.29 31.79
C PRO B 70 -40.02 -9.37 32.43
N ILE B 71 -41.29 -9.47 32.09
CA ILE B 71 -42.12 -10.50 32.71
C ILE B 71 -42.01 -11.83 31.98
N GLY B 72 -41.90 -11.80 30.64
CA GLY B 72 -41.67 -13.01 29.89
C GLY B 72 -40.23 -13.49 29.90
N HIS B 73 -39.29 -12.61 30.28
CA HIS B 73 -37.86 -12.92 30.29
C HIS B 73 -37.40 -13.30 28.88
N LEU B 74 -37.75 -12.46 27.91
CA LEU B 74 -37.35 -12.66 26.53
C LEU B 74 -36.14 -11.78 26.22
N TYR B 75 -35.13 -12.37 25.59
CA TYR B 75 -33.89 -11.69 25.25
C TYR B 75 -33.67 -11.75 23.74
N ILE B 76 -33.16 -10.66 23.19
CA ILE B 76 -32.75 -10.63 21.79
C ILE B 76 -31.27 -10.27 21.72
N PHE B 77 -30.65 -10.72 20.63
CA PHE B 77 -29.22 -10.48 20.41
C PHE B 77 -29.00 -9.23 19.59
N ALA B 78 -27.94 -8.50 19.92
CA ALA B 78 -27.47 -7.39 19.10
C ALA B 78 -25.95 -7.44 19.05
N THR B 79 -25.37 -6.70 18.13
CA THR B 79 -23.94 -6.48 18.14
C THR B 79 -23.65 -5.30 19.08
N CYS B 80 -22.59 -5.44 19.88
CA CYS B 80 -22.22 -4.38 20.81
C CYS B 80 -22.05 -3.06 20.07
N LEU B 81 -22.47 -1.97 20.72
CA LEU B 81 -22.41 -0.61 20.19
C LEU B 81 -23.23 -0.43 18.92
N GLY B 82 -24.11 -1.38 18.60
CA GLY B 82 -25.01 -1.23 17.48
C GLY B 82 -24.37 -1.31 16.11
N LEU B 83 -23.16 -1.86 16.02
CA LEU B 83 -22.48 -1.99 14.74
C LEU B 83 -23.21 -2.97 13.83
N SER B 84 -23.17 -2.69 12.52
CA SER B 84 -23.83 -3.54 11.53
C SER B 84 -22.92 -4.62 10.97
N TYR B 85 -21.99 -5.13 11.77
CA TYR B 85 -21.00 -6.08 11.32
C TYR B 85 -20.77 -7.10 12.43
N ASP B 86 -20.78 -8.39 12.07
CA ASP B 86 -20.30 -9.44 12.97
C ASP B 86 -19.25 -10.35 12.35
N GLY B 87 -18.98 -10.22 11.05
CA GLY B 87 -17.93 -10.99 10.42
C GLY B 87 -18.27 -12.44 10.11
N LEU B 88 -19.54 -12.83 10.22
CA LEU B 88 -19.92 -14.20 9.91
C LEU B 88 -20.09 -14.38 8.41
N LEU B 89 -20.17 -15.65 8.00
CA LEU B 89 -20.27 -16.00 6.57
C LEU B 89 -21.29 -17.12 6.43
N GLY B 90 -22.51 -16.77 6.04
CA GLY B 90 -23.56 -17.78 5.92
C GLY B 90 -23.72 -18.52 7.23
N ASP B 91 -23.76 -19.85 7.14
CA ASP B 91 -23.84 -20.71 8.32
C ASP B 91 -22.53 -21.43 8.60
N ASN B 92 -21.43 -20.97 7.99
CA ASN B 92 -20.13 -21.53 8.30
C ASN B 92 -19.74 -21.22 9.74
N GLN B 93 -19.14 -22.20 10.41
CA GLN B 93 -18.77 -22.05 11.81
C GLN B 93 -17.45 -21.30 11.90
N ILE B 94 -17.54 -19.98 11.85
CA ILE B 94 -16.40 -19.09 12.04
C ILE B 94 -16.74 -18.13 13.18
N MET B 95 -15.71 -17.55 13.75
CA MET B 95 -15.90 -16.80 14.99
C MET B 95 -16.51 -15.43 14.70
N PRO B 96 -17.50 -15.01 15.48
CA PRO B 96 -17.96 -13.61 15.40
C PRO B 96 -16.82 -12.65 15.72
N LYS B 97 -16.73 -11.56 14.95
CA LYS B 97 -15.54 -10.73 14.93
C LYS B 97 -15.71 -9.35 15.55
N ALA B 98 -16.94 -8.97 15.93
CA ALA B 98 -17.18 -7.61 16.41
C ALA B 98 -16.36 -7.28 17.65
N GLY B 99 -16.12 -8.26 18.53
CA GLY B 99 -15.35 -7.97 19.74
C GLY B 99 -13.92 -7.58 19.44
N LEU B 100 -13.27 -8.30 18.53
CA LEU B 100 -11.91 -7.94 18.13
C LEU B 100 -11.87 -6.59 17.40
N LEU B 101 -12.87 -6.33 16.56
CA LEU B 101 -12.98 -5.03 15.90
C LEU B 101 -13.08 -3.91 16.92
N ILE B 102 -13.89 -4.11 17.96
CA ILE B 102 -14.06 -3.10 19.00
C ILE B 102 -12.77 -2.94 19.79
N ILE B 103 -12.03 -4.02 20.00
CA ILE B 103 -10.73 -3.92 20.66
C ILE B 103 -9.79 -3.02 19.85
N VAL B 104 -9.73 -3.23 18.54
CA VAL B 104 -8.84 -2.43 17.70
C VAL B 104 -9.28 -0.96 17.70
N LEU B 105 -10.59 -0.74 17.57
CA LEU B 105 -11.12 0.63 17.63
C LEU B 105 -10.78 1.29 18.97
N ALA B 106 -10.82 0.53 20.05
CA ALA B 106 -10.54 1.07 21.37
C ALA B 106 -9.06 1.44 21.50
N ILE B 107 -8.17 0.61 20.96
CA ILE B 107 -6.75 0.95 20.97
C ILE B 107 -6.52 2.29 20.25
N ILE B 108 -7.07 2.40 19.03
CA ILE B 108 -6.87 3.62 18.26
C ILE B 108 -7.43 4.83 19.00
N ALA B 109 -8.64 4.68 19.56
CA ALA B 109 -9.26 5.79 20.28
C ALA B 109 -8.48 6.14 21.55
N ARG B 110 -7.86 5.14 22.18
CA ARG B 110 -7.02 5.41 23.34
C ARG B 110 -5.80 6.23 22.96
N GLU B 111 -5.23 5.98 21.78
CA GLU B 111 -4.06 6.75 21.39
C GLU B 111 -4.42 8.12 20.81
N GLY B 112 -5.61 8.28 20.26
CA GLY B 112 -6.02 9.56 19.72
C GLY B 112 -6.58 9.48 18.32
N ASP B 113 -5.96 10.18 17.38
CA ASP B 113 -6.40 10.13 15.99
C ASP B 113 -6.01 8.83 15.31
N CYS B 114 -4.85 8.28 15.66
CA CYS B 114 -4.32 7.10 14.98
C CYS B 114 -3.37 6.37 15.92
N ALA B 115 -3.00 5.17 15.51
CA ALA B 115 -2.07 4.34 16.26
C ALA B 115 -1.12 3.67 15.27
N PRO B 116 0.18 3.67 15.56
CA PRO B 116 1.11 2.93 14.69
C PRO B 116 0.77 1.44 14.69
N GLU B 117 0.94 0.81 13.54
CA GLU B 117 0.58 -0.60 13.40
C GLU B 117 1.32 -1.49 14.39
N GLU B 118 2.51 -1.06 14.84
CA GLU B 118 3.26 -1.83 15.82
C GLU B 118 2.49 -1.93 17.14
N LYS B 119 1.85 -0.84 17.56
CA LYS B 119 1.01 -0.88 18.76
C LYS B 119 -0.10 -1.89 18.61
N ILE B 120 -0.75 -1.91 17.45
CA ILE B 120 -1.85 -2.86 17.20
C ILE B 120 -1.34 -4.29 17.28
N TRP B 121 -0.22 -4.57 16.61
CA TRP B 121 0.32 -5.93 16.62
C TRP B 121 0.69 -6.35 18.04
N GLU B 122 1.31 -5.45 18.80
CA GLU B 122 1.71 -5.78 20.17
C GLU B 122 0.49 -6.08 21.05
N GLU B 123 -0.54 -5.25 20.95
CA GLU B 123 -1.72 -5.46 21.79
C GLU B 123 -2.48 -6.73 21.37
N LEU B 124 -2.51 -7.03 20.07
CA LEU B 124 -3.25 -8.19 19.61
C LEU B 124 -2.51 -9.49 19.90
N SER B 125 -1.18 -9.49 19.89
CA SER B 125 -0.45 -10.74 20.08
C SER B 125 -0.71 -11.38 21.44
N VAL B 126 -1.17 -10.61 22.43
CA VAL B 126 -1.42 -11.15 23.77
C VAL B 126 -2.69 -12.00 23.79
N LEU B 127 -3.63 -11.73 22.90
CA LEU B 127 -4.91 -12.45 22.91
C LEU B 127 -4.70 -13.89 22.49
N GLU B 128 -5.29 -14.82 23.26
CA GLU B 128 -5.09 -16.25 23.04
C GLU B 128 -5.84 -16.79 21.83
N VAL B 129 -6.75 -16.00 21.24
CA VAL B 129 -7.51 -16.48 20.09
C VAL B 129 -6.59 -16.84 18.92
N PHE B 130 -5.42 -16.20 18.84
CA PHE B 130 -4.52 -16.43 17.72
C PHE B 130 -3.63 -17.66 17.91
N GLU B 131 -3.64 -18.24 19.12
CA GLU B 131 -3.05 -19.56 19.42
C GLU B 131 -1.72 -19.78 18.72
N GLY B 132 -0.84 -18.78 18.81
CA GLY B 132 0.54 -18.90 18.34
C GLY B 132 0.71 -19.38 16.91
N ARG B 133 -0.14 -18.94 15.99
CA ARG B 133 -0.06 -19.32 14.60
C ARG B 133 0.42 -18.16 13.73
N GLU B 134 1.31 -17.32 14.27
CA GLU B 134 1.78 -16.15 13.55
C GLU B 134 2.61 -16.49 12.32
N ASP B 135 3.14 -17.71 12.25
CA ASP B 135 4.04 -18.12 11.18
C ASP B 135 3.32 -18.78 10.01
N SER B 136 2.02 -18.56 9.87
CA SER B 136 1.24 -19.20 8.82
C SER B 136 1.74 -18.77 7.44
N ILE B 137 1.74 -19.73 6.51
CA ILE B 137 2.15 -19.43 5.14
C ILE B 137 1.24 -18.40 4.52
N LEU B 138 -0.06 -18.50 4.77
CA LEU B 138 -1.01 -17.52 4.26
C LEU B 138 -0.73 -16.12 4.81
N GLY B 139 -0.16 -16.03 6.02
CA GLY B 139 0.08 -14.76 6.66
C GLY B 139 -0.39 -14.73 8.10
N ASP B 140 0.19 -13.84 8.91
CA ASP B 140 -0.15 -13.73 10.32
C ASP B 140 -1.65 -13.47 10.49
N PRO B 141 -2.41 -14.36 11.12
CA PRO B 141 -3.87 -14.22 11.14
C PRO B 141 -4.39 -12.95 11.78
N LYS B 142 -3.67 -12.37 12.75
CA LYS B 142 -4.12 -11.10 13.32
C LYS B 142 -4.02 -9.96 12.30
N LYS B 143 -3.02 -10.01 11.41
CA LYS B 143 -2.89 -8.96 10.40
C LYS B 143 -3.95 -9.13 9.31
N LEU B 144 -4.22 -10.37 8.89
CA LEU B 144 -5.32 -10.60 7.96
C LEU B 144 -6.66 -10.19 8.57
N LEU B 145 -6.82 -10.37 9.88
CA LEU B 145 -8.04 -9.92 10.54
C LEU B 145 -8.20 -8.41 10.46
N THR B 146 -7.12 -7.67 10.77
CA THR B 146 -7.19 -6.23 10.60
C THR B 146 -7.46 -5.85 9.15
N GLN B 147 -7.01 -6.67 8.20
CA GLN B 147 -7.35 -6.41 6.80
C GLN B 147 -8.86 -6.52 6.57
N HIS B 148 -9.49 -7.55 7.15
CA HIS B 148 -10.95 -7.61 7.18
C HIS B 148 -11.53 -6.28 7.61
N PHE B 149 -11.04 -5.77 8.74
CA PHE B 149 -11.63 -4.57 9.32
C PHE B 149 -11.41 -3.34 8.42
N VAL B 150 -10.25 -3.27 7.76
CA VAL B 150 -9.99 -2.16 6.84
C VAL B 150 -10.92 -2.26 5.63
N GLN B 151 -11.10 -3.46 5.09
CA GLN B 151 -11.90 -3.62 3.88
C GLN B 151 -13.39 -3.39 4.13
N GLU B 152 -13.87 -3.55 5.37
CA GLU B 152 -15.23 -3.18 5.72
C GLU B 152 -15.38 -1.69 6.02
N ASN B 153 -14.30 -0.91 5.89
CA ASN B 153 -14.26 0.53 6.11
C ASN B 153 -14.42 0.94 7.56
N TYR B 154 -14.27 0.02 8.50
CA TYR B 154 -14.19 0.42 9.91
C TYR B 154 -12.85 1.02 10.26
N LEU B 155 -11.80 0.60 9.56
CA LEU B 155 -10.45 1.10 9.79
C LEU B 155 -9.89 1.67 8.49
N GLU B 156 -8.96 2.60 8.63
CA GLU B 156 -8.13 3.06 7.54
C GLU B 156 -6.68 2.74 7.87
N TYR B 157 -5.92 2.38 6.84
CA TYR B 157 -4.52 1.99 6.98
C TYR B 157 -3.71 2.81 6.01
N ARG B 158 -2.69 3.51 6.50
CA ARG B 158 -1.97 4.41 5.61
C ARG B 158 -0.55 4.63 6.10
N GLN B 159 0.31 5.07 5.18
CA GLN B 159 1.68 5.41 5.53
C GLN B 159 1.71 6.67 6.39
N VAL B 160 2.51 6.63 7.44
CA VAL B 160 2.72 7.81 8.28
C VAL B 160 3.31 8.90 7.40
N PRO B 161 2.66 10.06 7.31
CA PRO B 161 3.11 11.09 6.35
C PRO B 161 4.56 11.47 6.57
N GLY B 162 5.34 11.44 5.49
CA GLY B 162 6.73 11.85 5.52
C GLY B 162 7.69 10.88 6.16
N SER B 163 7.30 9.63 6.39
CA SER B 163 8.19 8.67 7.02
C SER B 163 9.17 8.09 6.01
N ASP B 164 10.42 7.95 6.43
CA ASP B 164 11.46 7.34 5.60
C ASP B 164 12.44 6.57 6.47
N PRO B 165 12.47 5.23 6.40
CA PRO B 165 11.61 4.37 5.57
C PRO B 165 10.13 4.43 5.97
N ALA B 166 9.26 3.88 5.13
CA ALA B 166 7.82 4.04 5.32
C ALA B 166 7.37 3.33 6.59
N CYS B 167 6.61 4.06 7.41
CA CYS B 167 5.89 3.52 8.56
C CYS B 167 4.40 3.60 8.27
N TYR B 168 3.63 2.79 8.98
CA TYR B 168 2.21 2.66 8.70
C TYR B 168 1.41 2.77 9.99
N GLU B 169 0.16 3.21 9.85
CA GLU B 169 -0.69 3.52 10.98
C GLU B 169 -2.14 3.21 10.65
N PHE B 170 -2.91 2.97 11.70
CA PHE B 170 -4.34 2.72 11.64
C PHE B 170 -5.09 3.92 12.20
N LEU B 171 -6.20 4.26 11.55
CA LEU B 171 -7.16 5.25 12.03
C LEU B 171 -8.55 4.65 11.94
N TRP B 172 -9.51 5.34 12.54
CA TRP B 172 -10.91 4.96 12.37
C TRP B 172 -11.35 5.22 10.94
N GLY B 173 -12.07 4.27 10.36
CA GLY B 173 -12.65 4.44 9.06
C GLY B 173 -13.97 5.19 9.13
N PRO B 174 -14.44 5.64 7.96
CA PRO B 174 -15.73 6.37 7.93
C PRO B 174 -16.88 5.59 8.55
N ARG B 175 -16.93 4.28 8.33
CA ARG B 175 -18.02 3.48 8.88
C ARG B 175 -18.00 3.46 10.39
N ALA B 176 -16.81 3.40 11.00
CA ALA B 176 -16.74 3.45 12.46
C ALA B 176 -17.16 4.82 12.98
N LEU B 177 -16.81 5.88 12.26
CA LEU B 177 -17.19 7.22 12.70
C LEU B 177 -18.68 7.48 12.55
N VAL B 178 -19.33 6.80 11.58
CA VAL B 178 -20.77 6.96 11.43
C VAL B 178 -21.52 6.11 12.45
N GLU B 179 -21.02 4.90 12.74
CA GLU B 179 -21.78 3.95 13.55
C GLU B 179 -21.52 4.09 15.05
N THR B 180 -20.43 4.74 15.46
CA THR B 180 -20.14 4.90 16.88
C THR B 180 -19.21 6.10 17.05
N SER B 181 -18.62 6.23 18.24
CA SER B 181 -17.75 7.35 18.55
C SER B 181 -16.68 6.90 19.54
N TYR B 182 -15.67 7.75 19.71
CA TYR B 182 -14.60 7.46 20.66
C TYR B 182 -15.15 7.28 22.06
N VAL B 183 -15.96 8.23 22.52
CA VAL B 183 -16.51 8.19 23.87
C VAL B 183 -17.32 6.93 24.10
N LYS B 184 -18.18 6.58 23.13
CA LYS B 184 -19.02 5.39 23.29
C LYS B 184 -18.18 4.13 23.37
N VAL B 185 -17.18 4.01 22.50
CA VAL B 185 -16.33 2.81 22.49
C VAL B 185 -15.59 2.67 23.81
N LEU B 186 -14.96 3.75 24.28
CA LEU B 186 -14.15 3.63 25.49
C LEU B 186 -15.02 3.50 26.74
N HIS B 187 -16.19 4.12 26.76
CA HIS B 187 -17.15 3.87 27.82
C HIS B 187 -17.58 2.41 27.84
N HIS B 188 -17.79 1.82 26.66
CA HIS B 188 -18.13 0.40 26.57
C HIS B 188 -17.00 -0.46 27.13
N MET B 189 -15.76 -0.13 26.79
CA MET B 189 -14.61 -0.88 27.30
C MET B 189 -14.56 -0.80 28.82
N VAL B 190 -14.72 0.40 29.37
CA VAL B 190 -14.71 0.58 30.82
C VAL B 190 -15.81 -0.25 31.47
N LYS B 191 -17.02 -0.20 30.91
CA LYS B 191 -18.13 -0.99 31.45
C LYS B 191 -17.77 -2.47 31.46
N ILE B 192 -17.46 -3.04 30.30
CA ILE B 192 -17.35 -4.49 30.18
C ILE B 192 -16.04 -5.05 30.72
N SER B 193 -15.08 -4.21 31.08
CA SER B 193 -13.86 -4.69 31.72
C SER B 193 -13.93 -4.67 33.24
N GLY B 194 -14.91 -3.98 33.82
CA GLY B 194 -14.96 -3.78 35.25
C GLY B 194 -14.30 -2.49 35.68
N GLY B 195 -14.27 -1.48 34.82
CA GLY B 195 -13.56 -0.25 35.10
C GLY B 195 -12.08 -0.50 35.24
N PRO B 196 -11.30 0.57 35.20
CA PRO B 196 -9.89 0.49 35.59
C PRO B 196 -9.74 -0.25 36.91
N HIS B 197 -9.93 -1.58 36.87
CA HIS B 197 -9.65 -2.46 38.01
C HIS B 197 -8.32 -2.10 38.64
N ILE B 198 -7.31 -1.94 37.79
CA ILE B 198 -6.07 -1.21 38.05
C ILE B 198 -5.80 -1.04 39.53
N SER B 199 -6.14 0.14 40.05
CA SER B 199 -6.16 0.47 41.48
C SER B 199 -5.13 -0.30 42.30
N TYR B 200 -3.91 -0.41 41.76
CA TYR B 200 -2.86 -1.19 42.40
C TYR B 200 -1.79 -0.25 42.93
N PRO B 201 -1.70 -0.04 44.24
CA PRO B 201 -0.64 0.82 44.76
C PRO B 201 0.70 0.11 44.70
N PRO B 202 1.80 0.84 44.54
CA PRO B 202 3.12 0.21 44.50
C PRO B 202 3.44 -0.46 45.82
N LEU B 203 4.50 -1.27 45.80
CA LEU B 203 4.97 -1.95 47.01
C LEU B 203 5.23 -0.93 48.11
N HIS B 204 4.81 -1.30 49.33
CA HIS B 204 4.68 -0.32 50.40
C HIS B 204 6.02 0.24 50.84
N GLU B 205 7.10 -0.54 50.73
CA GLU B 205 8.40 -0.05 51.13
C GLU B 205 9.09 0.79 50.05
N TRP B 206 8.47 0.95 48.88
CA TRP B 206 8.89 1.97 47.92
C TRP B 206 8.41 3.36 48.32
N VAL B 207 7.43 3.43 49.22
CA VAL B 207 6.66 4.64 49.45
C VAL B 207 6.64 5.09 50.89
N LEU B 208 7.18 4.29 51.81
CA LEU B 208 7.18 4.59 53.24
C LEU B 208 8.59 4.47 53.77
N ARG B 209 8.98 5.41 54.64
CA ARG B 209 10.32 5.50 55.23
C ARG B 209 11.42 5.46 54.17
N SER C 1 21.04 -37.07 -7.66
CA SER C 1 19.95 -36.47 -8.43
C SER C 1 18.88 -35.90 -7.52
N MET C 2 18.36 -36.74 -6.62
CA MET C 2 17.36 -36.26 -5.66
C MET C 2 17.96 -35.20 -4.72
N GLU C 3 19.20 -35.41 -4.29
CA GLU C 3 19.89 -34.40 -3.50
C GLU C 3 20.12 -33.12 -4.30
N PHE C 4 20.55 -33.28 -5.55
CA PHE C 4 20.75 -32.11 -6.41
C PHE C 4 19.43 -31.41 -6.69
N GLN C 5 18.37 -32.17 -6.94
CA GLN C 5 17.07 -31.56 -7.20
C GLN C 5 16.55 -30.83 -5.97
N ALA C 6 16.82 -31.36 -4.77
CA ALA C 6 16.44 -30.65 -3.55
C ALA C 6 17.22 -29.35 -3.41
N ALA C 7 18.51 -29.36 -3.71
CA ALA C 7 19.30 -28.13 -3.64
C ALA C 7 18.80 -27.09 -4.64
N LEU C 8 18.50 -27.52 -5.87
CA LEU C 8 17.91 -26.65 -6.87
C LEU C 8 16.59 -26.06 -6.39
N SER C 9 15.75 -26.90 -5.77
CA SER C 9 14.47 -26.43 -5.24
C SER C 9 14.68 -25.35 -4.18
N ARG C 10 15.63 -25.58 -3.27
CA ARG C 10 15.93 -24.57 -2.27
C ARG C 10 16.36 -23.25 -2.92
N LYS C 11 17.17 -23.33 -3.98
CA LYS C 11 17.54 -22.12 -4.70
C LYS C 11 16.31 -21.40 -5.27
N VAL C 12 15.38 -22.16 -5.85
CA VAL C 12 14.17 -21.56 -6.41
C VAL C 12 13.35 -20.89 -5.32
N ALA C 13 13.26 -21.51 -4.15
CA ALA C 13 12.51 -20.88 -3.06
C ALA C 13 13.18 -19.60 -2.59
N GLU C 14 14.51 -19.59 -2.52
CA GLU C 14 15.22 -18.37 -2.14
C GLU C 14 14.98 -17.24 -3.15
N LEU C 15 15.00 -17.58 -4.45
CA LEU C 15 14.73 -16.57 -5.47
C LEU C 15 13.29 -16.08 -5.38
N VAL C 16 12.34 -16.97 -5.06
CA VAL C 16 10.95 -16.55 -4.91
C VAL C 16 10.80 -15.58 -3.76
N HIS C 17 11.43 -15.89 -2.62
CA HIS C 17 11.41 -14.97 -1.48
C HIS C 17 12.00 -13.62 -1.85
N PHE C 18 13.13 -13.62 -2.57
CA PHE C 18 13.76 -12.37 -2.97
C PHE C 18 12.85 -11.55 -3.87
N LEU C 19 12.27 -12.19 -4.89
CA LEU C 19 11.36 -11.46 -5.78
C LEU C 19 10.13 -10.95 -5.06
N LEU C 20 9.63 -11.69 -4.06
CA LEU C 20 8.51 -11.18 -3.26
C LEU C 20 8.91 -9.95 -2.46
N LEU C 21 10.14 -9.94 -1.94
CA LEU C 21 10.64 -8.74 -1.27
C LEU C 21 10.69 -7.56 -2.23
N LYS C 22 11.19 -7.79 -3.44
CA LYS C 22 11.28 -6.71 -4.42
C LYS C 22 9.89 -6.22 -4.82
N TYR C 23 8.92 -7.14 -4.92
CA TYR C 23 7.56 -6.75 -5.27
C TYR C 23 6.90 -5.93 -4.18
N ARG C 24 7.05 -6.35 -2.92
CA ARG C 24 6.50 -5.59 -1.81
C ARG C 24 7.09 -4.18 -1.77
N ALA C 25 8.37 -4.03 -2.08
CA ALA C 25 9.04 -2.74 -2.09
C ALA C 25 8.76 -1.93 -3.35
N ARG C 26 8.00 -2.48 -4.30
CA ARG C 26 7.69 -1.81 -5.56
C ARG C 26 8.97 -1.37 -6.28
N GLU C 27 10.04 -2.16 -6.14
CA GLU C 27 11.34 -1.91 -6.76
C GLU C 27 11.54 -2.80 -7.98
N PRO C 28 12.14 -2.28 -9.05
CA PRO C 28 12.56 -3.14 -10.16
C PRO C 28 13.69 -4.05 -9.72
N VAL C 29 13.97 -5.05 -10.56
CA VAL C 29 15.01 -6.04 -10.26
C VAL C 29 15.72 -6.41 -11.55
N THR C 30 17.03 -6.64 -11.44
CA THR C 30 17.87 -7.01 -12.57
C THR C 30 18.38 -8.43 -12.39
N LYS C 31 18.91 -8.99 -13.49
CA LYS C 31 19.57 -10.29 -13.41
C LYS C 31 20.79 -10.22 -12.50
N ALA C 32 21.53 -9.10 -12.53
CA ALA C 32 22.69 -8.98 -11.68
C ALA C 32 22.31 -9.01 -10.21
N GLU C 33 21.22 -8.32 -9.84
CA GLU C 33 20.76 -8.34 -8.46
C GLU C 33 20.35 -9.75 -8.04
N MET C 34 19.66 -10.46 -8.94
CA MET C 34 19.24 -11.83 -8.65
C MET C 34 20.45 -12.74 -8.44
N LEU C 35 21.49 -12.59 -9.27
CA LEU C 35 22.71 -13.36 -9.07
C LEU C 35 23.38 -13.03 -7.74
N GLY C 36 23.11 -11.85 -7.17
CA GLY C 36 23.49 -11.57 -5.80
C GLY C 36 22.68 -12.34 -4.76
N SER C 37 21.65 -13.08 -5.19
CA SER C 37 20.92 -14.02 -4.34
C SER C 37 21.14 -15.48 -4.74
N VAL C 38 21.36 -15.75 -6.03
CA VAL C 38 21.80 -17.06 -6.49
C VAL C 38 23.27 -17.20 -6.08
N VAL C 39 23.50 -17.62 -4.83
CA VAL C 39 24.81 -17.53 -4.21
C VAL C 39 25.75 -18.55 -4.85
N GLY C 40 26.68 -18.06 -5.67
CA GLY C 40 27.75 -18.89 -6.21
C GLY C 40 27.33 -19.91 -7.26
N ASN C 41 27.95 -21.09 -7.17
CA ASN C 41 27.81 -22.22 -8.10
C ASN C 41 26.65 -22.12 -9.07
N TRP C 42 25.46 -21.81 -8.56
CA TRP C 42 24.21 -21.97 -9.29
C TRP C 42 24.02 -20.94 -10.40
N GLN C 43 24.94 -20.01 -10.61
CA GLN C 43 24.80 -19.05 -11.71
C GLN C 43 24.50 -19.75 -13.03
N TYR C 44 25.16 -20.89 -13.27
CA TYR C 44 24.98 -21.59 -14.55
C TYR C 44 23.57 -22.11 -14.73
N PHE C 45 22.88 -22.41 -13.64
CA PHE C 45 21.50 -22.87 -13.68
C PHE C 45 20.51 -21.73 -13.54
N PHE C 46 20.92 -20.48 -13.77
CA PHE C 46 19.98 -19.38 -13.69
C PHE C 46 18.75 -19.56 -14.57
N PRO C 47 18.85 -20.03 -15.83
CA PRO C 47 17.63 -20.13 -16.66
C PRO C 47 16.55 -21.00 -16.04
N VAL C 48 16.89 -22.18 -15.53
CA VAL C 48 15.87 -23.06 -14.97
C VAL C 48 15.33 -22.48 -13.66
N ILE C 49 16.22 -22.03 -12.77
CA ILE C 49 15.80 -21.49 -11.48
C ILE C 49 14.81 -20.34 -11.69
N PHE C 50 15.24 -19.31 -12.42
CA PHE C 50 14.35 -18.21 -12.76
C PHE C 50 13.05 -18.72 -13.35
N SER C 51 13.13 -19.65 -14.30
CA SER C 51 11.91 -20.13 -14.96
C SER C 51 10.98 -20.79 -13.96
N LYS C 52 11.53 -21.55 -13.01
CA LYS C 52 10.70 -22.14 -11.98
C LYS C 52 10.16 -21.06 -11.05
N ALA C 53 11.03 -20.13 -10.65
CA ALA C 53 10.60 -19.08 -9.73
C ALA C 53 9.42 -18.33 -10.31
N SER C 54 9.59 -17.79 -11.52
CA SER C 54 8.49 -17.10 -12.21
C SER C 54 7.22 -17.93 -12.18
N SER C 55 7.32 -19.23 -12.48
CA SER C 55 6.14 -20.08 -12.49
C SER C 55 5.43 -20.04 -11.15
N SER C 56 6.18 -20.26 -10.06
CA SER C 56 5.60 -20.12 -8.73
C SER C 56 4.93 -18.76 -8.58
N LEU C 57 5.65 -17.69 -8.92
CA LEU C 57 5.10 -16.34 -8.77
C LEU C 57 3.74 -16.23 -9.44
N GLN C 58 3.58 -16.88 -10.60
CA GLN C 58 2.31 -16.78 -11.31
C GLN C 58 1.24 -17.64 -10.66
N LEU C 59 1.59 -18.86 -10.24
CA LEU C 59 0.56 -19.80 -9.82
C LEU C 59 0.15 -19.57 -8.38
N VAL C 60 1.11 -19.37 -7.50
CA VAL C 60 0.82 -19.28 -6.07
C VAL C 60 0.46 -17.85 -5.66
N PHE C 61 1.17 -16.85 -6.18
CA PHE C 61 1.04 -15.49 -5.69
C PHE C 61 0.35 -14.54 -6.66
N GLY C 62 0.15 -14.92 -7.91
CA GLY C 62 -0.47 -14.02 -8.87
C GLY C 62 0.38 -12.84 -9.26
N ILE C 63 1.70 -13.03 -9.36
CA ILE C 63 2.64 -11.99 -9.72
C ILE C 63 3.34 -12.40 -11.01
N GLU C 64 3.49 -11.44 -11.93
CA GLU C 64 4.16 -11.68 -13.21
C GLU C 64 5.40 -10.80 -13.30
N LEU C 65 6.50 -11.39 -13.74
CA LEU C 65 7.70 -10.67 -14.09
C LEU C 65 7.63 -10.25 -15.55
N MET C 66 8.08 -9.03 -15.83
CA MET C 66 8.12 -8.51 -17.20
C MET C 66 9.49 -7.88 -17.44
N GLU C 67 10.23 -8.43 -18.40
CA GLU C 67 11.47 -7.81 -18.83
C GLU C 67 11.16 -6.57 -19.65
N VAL C 68 11.68 -5.42 -19.22
CA VAL C 68 11.49 -4.19 -19.97
C VAL C 68 12.77 -3.76 -20.68
N ASP C 69 13.92 -4.29 -20.31
CA ASP C 69 15.21 -3.97 -20.93
C ASP C 69 15.91 -5.29 -21.24
N PRO C 70 15.84 -5.77 -22.49
CA PRO C 70 16.44 -7.07 -22.80
C PRO C 70 17.96 -7.10 -22.69
N ILE C 71 18.64 -5.97 -22.91
CA ILE C 71 20.09 -5.96 -22.83
C ILE C 71 20.57 -5.63 -21.41
N GLY C 72 19.85 -4.80 -20.68
CA GLY C 72 20.17 -4.59 -19.28
C GLY C 72 19.63 -5.65 -18.35
N HIS C 73 18.70 -6.48 -18.83
CA HIS C 73 18.07 -7.52 -18.02
C HIS C 73 17.36 -6.92 -16.80
N LEU C 74 16.51 -5.93 -17.05
CA LEU C 74 15.74 -5.26 -16.03
C LEU C 74 14.30 -5.74 -16.06
N TYR C 75 13.77 -6.07 -14.89
CA TYR C 75 12.43 -6.63 -14.74
C TYR C 75 11.58 -5.73 -13.86
N ILE C 76 10.29 -5.63 -14.20
CA ILE C 76 9.30 -5.05 -13.32
C ILE C 76 8.25 -6.11 -13.02
N PHE C 77 7.37 -5.79 -12.08
CA PHE C 77 6.33 -6.69 -11.62
C PHE C 77 4.96 -6.18 -12.04
N ALA C 78 4.02 -7.11 -12.17
CA ALA C 78 2.62 -6.76 -12.37
C ALA C 78 1.74 -7.80 -11.71
N THR C 79 0.57 -7.37 -11.27
CA THR C 79 -0.42 -8.34 -10.82
C THR C 79 -0.99 -9.06 -12.04
N CYS C 80 -1.15 -10.38 -11.92
CA CYS C 80 -1.73 -11.17 -12.99
C CYS C 80 -3.09 -10.60 -13.40
N LEU C 81 -3.31 -10.54 -14.71
CA LEU C 81 -4.54 -10.02 -15.32
C LEU C 81 -4.77 -8.53 -15.03
N GLY C 82 -3.74 -7.84 -14.54
CA GLY C 82 -3.86 -6.42 -14.30
C GLY C 82 -4.83 -6.04 -13.21
N LEU C 83 -5.07 -6.94 -12.25
CA LEU C 83 -5.95 -6.63 -11.13
C LEU C 83 -5.32 -5.56 -10.25
N SER C 84 -6.17 -4.70 -9.70
CA SER C 84 -5.73 -3.60 -8.84
C SER C 84 -5.60 -4.03 -7.38
N TYR C 85 -5.63 -5.32 -7.10
CA TYR C 85 -5.58 -5.85 -5.74
C TYR C 85 -4.54 -6.97 -5.68
N ASP C 86 -3.68 -6.93 -4.66
CA ASP C 86 -2.76 -8.02 -4.41
C ASP C 86 -2.81 -8.54 -2.97
N GLY C 87 -3.65 -7.95 -2.12
CA GLY C 87 -3.83 -8.44 -0.77
C GLY C 87 -2.76 -8.07 0.23
N LEU C 88 -1.78 -7.26 -0.15
CA LEU C 88 -0.69 -6.91 0.75
C LEU C 88 -1.17 -5.87 1.77
N LEU C 89 -0.29 -5.58 2.74
CA LEU C 89 -0.58 -4.67 3.84
C LEU C 89 0.74 -4.03 4.26
N GLY C 90 1.02 -2.84 3.73
CA GLY C 90 2.26 -2.17 4.04
C GLY C 90 3.45 -3.02 3.68
N ASP C 91 4.47 -3.00 4.55
CA ASP C 91 5.65 -3.83 4.41
C ASP C 91 5.57 -5.09 5.28
N ASN C 92 4.40 -5.43 5.78
CA ASN C 92 4.23 -6.67 6.54
C ASN C 92 4.47 -7.88 5.65
N GLN C 93 5.17 -8.87 6.21
CA GLN C 93 5.54 -10.07 5.46
C GLN C 93 4.35 -11.03 5.42
N ILE C 94 3.36 -10.65 4.62
CA ILE C 94 2.21 -11.49 4.35
C ILE C 94 2.19 -11.80 2.86
N MET C 95 1.53 -12.89 2.54
CA MET C 95 1.55 -13.46 1.20
C MET C 95 0.62 -12.68 0.27
N PRO C 96 1.07 -12.33 -0.94
CA PRO C 96 0.14 -11.75 -1.91
C PRO C 96 -0.97 -12.73 -2.24
N LYS C 97 -2.19 -12.20 -2.41
CA LYS C 97 -3.39 -13.03 -2.50
C LYS C 97 -3.99 -13.10 -3.90
N ALA C 98 -3.39 -12.45 -4.90
CA ALA C 98 -3.99 -12.40 -6.22
C ALA C 98 -4.10 -13.77 -6.87
N GLY C 99 -3.14 -14.66 -6.60
CA GLY C 99 -3.21 -16.00 -7.18
C GLY C 99 -4.42 -16.79 -6.71
N LEU C 100 -4.69 -16.75 -5.40
CA LEU C 100 -5.84 -17.46 -4.86
C LEU C 100 -7.15 -16.81 -5.32
N LEU C 101 -7.17 -15.48 -5.45
CA LEU C 101 -8.35 -14.81 -5.96
C LEU C 101 -8.65 -15.25 -7.39
N ILE C 102 -7.60 -15.29 -8.24
CA ILE C 102 -7.80 -15.72 -9.61
C ILE C 102 -8.23 -17.19 -9.66
N ILE C 103 -7.72 -18.00 -8.72
CA ILE C 103 -8.14 -19.40 -8.67
C ILE C 103 -9.63 -19.51 -8.37
N VAL C 104 -10.11 -18.73 -7.40
CA VAL C 104 -11.53 -18.79 -7.05
C VAL C 104 -12.39 -18.30 -8.22
N LEU C 105 -11.99 -17.18 -8.83
CA LEU C 105 -12.70 -16.68 -10.01
C LEU C 105 -12.73 -17.74 -11.11
N ALA C 106 -11.64 -18.49 -11.28
CA ALA C 106 -11.57 -19.50 -12.32
C ALA C 106 -12.50 -20.66 -12.02
N ILE C 107 -12.58 -21.08 -10.76
CA ILE C 107 -13.52 -22.14 -10.39
C ILE C 107 -14.94 -21.71 -10.70
N ILE C 108 -15.28 -20.49 -10.33
CA ILE C 108 -16.63 -19.99 -10.58
C ILE C 108 -16.91 -19.96 -12.08
N ALA C 109 -15.97 -19.44 -12.87
CA ALA C 109 -16.16 -19.36 -14.31
C ALA C 109 -16.23 -20.75 -14.94
N ARG C 110 -15.55 -21.73 -14.36
CA ARG C 110 -15.66 -23.11 -14.84
C ARG C 110 -17.05 -23.66 -14.57
N GLU C 111 -17.65 -23.32 -13.42
CA GLU C 111 -18.97 -23.85 -13.12
C GLU C 111 -20.09 -23.12 -13.89
N GLY C 112 -19.95 -21.81 -14.11
CA GLY C 112 -20.96 -21.09 -14.84
C GLY C 112 -21.23 -19.70 -14.28
N ASP C 113 -22.50 -19.39 -14.00
CA ASP C 113 -22.82 -18.10 -13.39
C ASP C 113 -22.38 -18.05 -11.94
N CYS C 114 -22.40 -19.19 -11.25
CA CYS C 114 -22.08 -19.23 -9.83
C CYS C 114 -21.67 -20.64 -9.46
N ALA C 115 -21.16 -20.79 -8.24
CA ALA C 115 -20.71 -22.07 -7.74
C ALA C 115 -21.12 -22.20 -6.27
N PRO C 116 -21.62 -23.37 -5.86
CA PRO C 116 -21.92 -23.57 -4.44
C PRO C 116 -20.66 -23.41 -3.60
N GLU C 117 -20.83 -22.85 -2.39
CA GLU C 117 -19.68 -22.59 -1.53
C GLU C 117 -18.95 -23.89 -1.18
N GLU C 118 -19.67 -25.01 -1.15
CA GLU C 118 -19.01 -26.29 -0.92
C GLU C 118 -17.97 -26.57 -1.99
N LYS C 119 -18.31 -26.32 -3.26
CA LYS C 119 -17.34 -26.53 -4.34
C LYS C 119 -16.07 -25.74 -4.11
N ILE C 120 -16.22 -24.47 -3.71
CA ILE C 120 -15.06 -23.63 -3.42
C ILE C 120 -14.25 -24.24 -2.28
N TRP C 121 -14.91 -24.71 -1.22
CA TRP C 121 -14.18 -25.28 -0.09
C TRP C 121 -13.41 -26.53 -0.49
N GLU C 122 -14.05 -27.43 -1.25
CA GLU C 122 -13.36 -28.66 -1.66
C GLU C 122 -12.18 -28.35 -2.57
N GLU C 123 -12.35 -27.41 -3.50
CA GLU C 123 -11.24 -27.08 -4.40
C GLU C 123 -10.10 -26.41 -3.65
N LEU C 124 -10.41 -25.59 -2.64
CA LEU C 124 -9.37 -24.90 -1.90
C LEU C 124 -8.67 -25.78 -0.88
N SER C 125 -9.36 -26.78 -0.34
CA SER C 125 -8.75 -27.63 0.68
C SER C 125 -7.59 -28.46 0.13
N VAL C 126 -7.50 -28.59 -1.19
CA VAL C 126 -6.40 -29.37 -1.78
C VAL C 126 -5.09 -28.58 -1.75
N LEU C 127 -5.15 -27.25 -1.77
CA LEU C 127 -3.95 -26.43 -1.87
C LEU C 127 -3.14 -26.46 -0.59
N GLU C 128 -1.82 -26.68 -0.72
CA GLU C 128 -0.94 -26.81 0.44
C GLU C 128 -0.71 -25.50 1.17
N VAL C 129 -1.13 -24.37 0.60
CA VAL C 129 -0.90 -23.08 1.26
C VAL C 129 -1.62 -23.01 2.60
N PHE C 130 -2.69 -23.80 2.78
CA PHE C 130 -3.48 -23.78 4.00
C PHE C 130 -2.97 -24.74 5.06
N GLU C 131 -1.99 -25.58 4.73
CA GLU C 131 -1.16 -26.34 5.67
C GLU C 131 -1.95 -26.91 6.85
N GLY C 132 -3.13 -27.46 6.54
CA GLY C 132 -3.89 -28.22 7.52
C GLY C 132 -4.28 -27.46 8.77
N ARG C 133 -4.59 -26.18 8.64
CA ARG C 133 -4.97 -25.35 9.78
C ARG C 133 -6.46 -25.01 9.75
N GLU C 134 -7.30 -25.94 9.27
CA GLU C 134 -8.74 -25.68 9.13
C GLU C 134 -9.44 -25.50 10.48
N ASP C 135 -8.82 -25.94 11.57
CA ASP C 135 -9.46 -25.95 12.88
C ASP C 135 -9.14 -24.72 13.72
N SER C 136 -8.72 -23.62 13.08
CA SER C 136 -8.35 -22.42 13.83
C SER C 136 -9.55 -21.85 14.57
N ILE C 137 -9.30 -21.33 15.79
CA ILE C 137 -10.37 -20.79 16.61
C ILE C 137 -11.03 -19.60 15.91
N LEU C 138 -10.22 -18.76 15.26
CA LEU C 138 -10.77 -17.64 14.52
C LEU C 138 -11.69 -18.10 13.41
N GLY C 139 -11.38 -19.24 12.80
CA GLY C 139 -12.16 -19.80 11.71
C GLY C 139 -11.25 -20.41 10.66
N ASP C 140 -11.84 -21.25 9.83
CA ASP C 140 -11.11 -21.88 8.73
C ASP C 140 -10.48 -20.81 7.84
N PRO C 141 -9.14 -20.80 7.70
CA PRO C 141 -8.49 -19.68 6.99
C PRO C 141 -8.92 -19.48 5.55
N LYS C 142 -9.30 -20.55 4.83
CA LYS C 142 -9.71 -20.37 3.44
C LYS C 142 -11.05 -19.61 3.36
N LYS C 143 -11.95 -19.84 4.31
CA LYS C 143 -13.21 -19.12 4.32
C LYS C 143 -13.00 -17.65 4.66
N LEU C 144 -12.11 -17.35 5.60
CA LEU C 144 -11.78 -15.96 5.90
C LEU C 144 -11.11 -15.28 4.70
N LEU C 145 -10.30 -16.02 3.93
CA LEU C 145 -9.71 -15.47 2.73
C LEU C 145 -10.78 -15.12 1.69
N THR C 146 -11.75 -16.02 1.49
CA THR C 146 -12.84 -15.66 0.58
C THR C 146 -13.62 -14.46 1.11
N GLN C 147 -13.67 -14.27 2.44
CA GLN C 147 -14.27 -13.06 2.97
C GLN C 147 -13.49 -11.82 2.52
N HIS C 148 -12.15 -11.91 2.53
CA HIS C 148 -11.34 -10.84 1.92
C HIS C 148 -11.82 -10.54 0.51
N PHE C 149 -12.00 -11.60 -0.29
CA PHE C 149 -12.34 -11.39 -1.69
C PHE C 149 -13.74 -10.81 -1.87
N VAL C 150 -14.66 -11.15 -0.97
CA VAL C 150 -16.01 -10.58 -1.02
C VAL C 150 -15.98 -9.10 -0.64
N GLN C 151 -15.26 -8.77 0.43
CA GLN C 151 -15.23 -7.38 0.89
C GLN C 151 -14.62 -6.44 -0.14
N GLU C 152 -13.71 -6.95 -0.98
CA GLU C 152 -13.13 -6.15 -2.05
C GLU C 152 -14.02 -6.09 -3.29
N ASN C 153 -15.19 -6.74 -3.25
CA ASN C 153 -16.19 -6.74 -4.31
C ASN C 153 -15.73 -7.51 -5.55
N TYR C 154 -14.72 -8.36 -5.42
CA TYR C 154 -14.37 -9.29 -6.49
C TYR C 154 -15.31 -10.48 -6.53
N LEU C 155 -15.86 -10.86 -5.38
CA LEU C 155 -16.82 -11.95 -5.28
C LEU C 155 -18.11 -11.45 -4.65
N GLU C 156 -19.21 -12.07 -5.03
CA GLU C 156 -20.49 -11.90 -4.37
C GLU C 156 -20.89 -13.22 -3.74
N TYR C 157 -21.38 -13.15 -2.51
CA TYR C 157 -21.76 -14.32 -1.72
C TYR C 157 -23.23 -14.17 -1.37
N ARG C 158 -24.02 -15.21 -1.65
CA ARG C 158 -25.45 -15.07 -1.42
C ARG C 158 -26.08 -16.43 -1.19
N GLN C 159 -27.27 -16.41 -0.59
CA GLN C 159 -28.02 -17.65 -0.43
C GLN C 159 -28.59 -18.09 -1.78
N VAL C 160 -28.55 -19.40 -2.02
CA VAL C 160 -29.16 -19.99 -3.20
C VAL C 160 -30.66 -19.69 -3.16
N PRO C 161 -31.22 -19.04 -4.17
CA PRO C 161 -32.64 -18.64 -4.12
C PRO C 161 -33.60 -19.78 -3.87
N GLY C 162 -34.37 -19.69 -2.79
CA GLY C 162 -35.37 -20.69 -2.48
C GLY C 162 -34.85 -21.95 -1.84
N SER C 163 -33.66 -21.94 -1.26
CA SER C 163 -33.09 -23.11 -0.63
C SER C 163 -33.56 -23.21 0.81
N ASP C 164 -33.98 -24.40 1.23
CA ASP C 164 -34.37 -24.64 2.61
C ASP C 164 -33.94 -26.03 3.06
N PRO C 165 -33.03 -26.14 4.04
CA PRO C 165 -32.37 -25.02 4.72
C PRO C 165 -31.41 -24.23 3.82
N ALA C 166 -30.91 -23.12 4.35
CA ALA C 166 -30.14 -22.18 3.53
C ALA C 166 -28.89 -22.83 2.96
N CYS C 167 -28.70 -22.66 1.65
CA CYS C 167 -27.45 -22.97 0.97
C CYS C 167 -26.90 -21.68 0.39
N TYR C 168 -25.59 -21.64 0.18
CA TYR C 168 -24.93 -20.41 -0.24
C TYR C 168 -24.02 -20.67 -1.42
N GLU C 169 -23.75 -19.60 -2.17
CA GLU C 169 -23.04 -19.70 -3.43
C GLU C 169 -22.26 -18.42 -3.69
N PHE C 170 -21.17 -18.57 -4.45
CA PHE C 170 -20.29 -17.50 -4.88
C PHE C 170 -20.51 -17.20 -6.35
N LEU C 171 -20.37 -15.92 -6.71
CA LEU C 171 -20.37 -15.49 -8.09
C LEU C 171 -19.38 -14.35 -8.25
N TRP C 172 -19.12 -13.97 -9.49
CA TRP C 172 -18.24 -12.84 -9.76
C TRP C 172 -18.87 -11.54 -9.27
N GLY C 173 -18.08 -10.73 -8.57
CA GLY C 173 -18.51 -9.42 -8.16
C GLY C 173 -18.30 -8.40 -9.26
N PRO C 174 -18.87 -7.20 -9.05
CA PRO C 174 -18.76 -6.17 -10.09
C PRO C 174 -17.32 -5.78 -10.40
N ARG C 175 -16.44 -5.80 -9.40
CA ARG C 175 -15.05 -5.44 -9.63
C ARG C 175 -14.35 -6.47 -10.49
N ALA C 176 -14.64 -7.75 -10.29
CA ALA C 176 -14.11 -8.79 -11.16
C ALA C 176 -14.60 -8.61 -12.60
N LEU C 177 -15.88 -8.27 -12.76
CA LEU C 177 -16.43 -8.09 -14.09
C LEU C 177 -15.85 -6.86 -14.79
N VAL C 178 -15.45 -5.86 -14.02
CA VAL C 178 -14.86 -4.66 -14.62
C VAL C 178 -13.40 -4.88 -14.95
N GLU C 179 -12.64 -5.51 -14.04
CA GLU C 179 -11.19 -5.58 -14.20
C GLU C 179 -10.74 -6.74 -15.08
N THR C 180 -11.57 -7.74 -15.32
CA THR C 180 -11.18 -8.88 -16.14
C THR C 180 -12.43 -9.53 -16.70
N SER C 181 -12.31 -10.79 -17.14
CA SER C 181 -13.42 -11.46 -17.82
C SER C 181 -13.21 -12.97 -17.68
N TYR C 182 -14.28 -13.72 -18.00
CA TYR C 182 -14.20 -15.17 -17.98
C TYR C 182 -13.12 -15.67 -18.92
N VAL C 183 -13.12 -15.16 -20.16
CA VAL C 183 -12.17 -15.59 -21.18
C VAL C 183 -10.75 -15.36 -20.72
N LYS C 184 -10.46 -14.15 -20.21
CA LYS C 184 -9.11 -13.83 -19.79
C LYS C 184 -8.66 -14.72 -18.64
N VAL C 185 -9.54 -14.94 -17.66
CA VAL C 185 -9.18 -15.75 -16.49
C VAL C 185 -8.88 -17.19 -16.90
N LEU C 186 -9.76 -17.77 -17.73
CA LEU C 186 -9.59 -19.17 -18.08
C LEU C 186 -8.40 -19.36 -19.02
N HIS C 187 -8.17 -18.43 -19.93
CA HIS C 187 -6.99 -18.48 -20.78
C HIS C 187 -5.71 -18.35 -19.95
N HIS C 188 -5.74 -17.48 -18.94
CA HIS C 188 -4.59 -17.33 -18.04
C HIS C 188 -4.31 -18.63 -17.29
N MET C 189 -5.35 -19.30 -16.80
CA MET C 189 -5.13 -20.56 -16.09
C MET C 189 -4.59 -21.63 -17.02
N VAL C 190 -5.18 -21.76 -18.21
CA VAL C 190 -4.67 -22.71 -19.19
C VAL C 190 -3.20 -22.42 -19.51
N LYS C 191 -2.85 -21.15 -19.62
CA LYS C 191 -1.50 -20.77 -19.99
C LYS C 191 -0.51 -21.12 -18.87
N ILE C 192 -0.83 -20.77 -17.63
CA ILE C 192 0.13 -20.93 -16.53
C ILE C 192 0.09 -22.31 -15.89
N SER C 193 -0.82 -23.19 -16.30
CA SER C 193 -0.77 -24.56 -15.83
C SER C 193 -0.63 -25.60 -16.93
N GLY C 194 -1.18 -25.37 -18.12
CA GLY C 194 -1.01 -26.29 -19.21
C GLY C 194 -2.27 -26.59 -19.99
N GLY C 195 -3.37 -26.86 -19.30
CA GLY C 195 -4.60 -27.21 -19.96
C GLY C 195 -4.88 -28.70 -19.86
N PRO C 196 -6.13 -29.05 -19.58
CA PRO C 196 -6.46 -30.47 -19.30
C PRO C 196 -6.55 -31.32 -20.54
N HIS C 197 -7.79 -31.54 -20.97
CA HIS C 197 -8.13 -32.47 -22.06
C HIS C 197 -7.62 -33.89 -21.74
N ILE C 198 -8.23 -34.46 -20.71
CA ILE C 198 -7.95 -35.83 -20.30
C ILE C 198 -8.86 -36.74 -21.10
N SER C 199 -8.31 -37.35 -22.14
CA SER C 199 -9.11 -38.15 -23.06
C SER C 199 -9.45 -39.51 -22.45
N TYR C 200 -10.54 -40.10 -22.93
CA TYR C 200 -10.94 -41.41 -22.48
C TYR C 200 -10.04 -42.49 -23.09
N PRO C 201 -9.81 -43.59 -22.38
CA PRO C 201 -8.94 -44.65 -22.91
C PRO C 201 -9.66 -45.46 -23.97
N PRO C 202 -8.93 -46.20 -24.81
CA PRO C 202 -9.59 -47.01 -25.84
C PRO C 202 -10.54 -48.07 -25.29
N LEU C 203 -11.55 -47.64 -24.55
CA LEU C 203 -12.76 -48.41 -24.34
C LEU C 203 -13.86 -47.98 -25.30
N HIS C 204 -13.68 -46.86 -26.00
CA HIS C 204 -14.59 -46.37 -27.03
C HIS C 204 -14.44 -47.10 -28.36
N GLU C 205 -13.53 -48.07 -28.45
CA GLU C 205 -13.46 -48.98 -29.58
C GLU C 205 -13.34 -50.43 -29.11
N TRP C 206 -13.56 -50.68 -27.82
CA TRP C 206 -13.59 -51.97 -27.13
C TRP C 206 -13.26 -53.22 -27.94
N VAL C 207 -12.13 -53.85 -27.60
CA VAL C 207 -11.71 -55.19 -28.03
C VAL C 207 -11.85 -55.41 -29.55
N LEU C 208 -13.05 -55.22 -30.11
CA LEU C 208 -13.36 -55.34 -31.53
C LEU C 208 -12.54 -56.40 -32.27
N ARG C 209 -12.39 -57.58 -31.69
CA ARG C 209 -11.65 -58.67 -32.34
C ARG C 209 -12.59 -59.63 -33.05
C11 A1AL3 D . -14.16 -19.00 -23.08
C30 A1AL3 D . -9.41 -22.19 -22.38
C14 A1AL3 D . -16.27 -20.53 -20.29
C10 A1AL3 D . -12.83 -18.92 -22.67
C17 A1AL3 D . -16.73 -17.12 -22.63
C20 A1AL3 D . -13.43 -18.62 -25.35
C22 A1AL3 D . -11.31 -17.47 -26.91
C18 A1AL3 D . -16.34 -18.32 -21.98
C25 A1AL3 D . -7.03 -15.27 -26.09
C27 A1AL3 D . -6.34 -16.22 -28.68
C29 A1AL3 D . -10.34 -21.01 -22.62
C1 A1AL3 D . -8.49 -23.70 -24.14
C12 A1AL3 D . -15.25 -19.23 -22.09
C13 A1AL3 D . -15.25 -20.33 -21.22
C15 A1AL3 D . -17.33 -19.66 -20.18
C16 A1AL3 D . -17.35 -18.55 -21.03
C19 A1AL3 D . -14.44 -18.84 -24.43
C2 A1AL3 D . -8.59 -24.91 -23.31
C21 A1AL3 D . -12.11 -18.55 -24.92
C23 A1AL3 D . -10.51 -16.21 -26.72
C24 A1AL3 D . -9.12 -16.49 -26.18
C26 A1AL3 D . -5.84 -14.81 -26.90
C28 A1AL3 D . -7.38 -16.88 -27.81
C3 A1AL3 D . -7.66 -25.86 -23.08
C4 A1AL3 D . -8.26 -26.83 -22.24
C5 A1AL3 D . -9.54 -26.41 -22.02
C6 A1AL3 D . -7.96 -21.30 -24.16
C7 A1AL3 D . -8.95 -20.16 -24.33
C8 A1AL3 D . -10.35 -18.60 -23.10
C9 A1AL3 D . -11.79 -18.72 -23.57
N1 A1AL3 D . -8.62 -22.48 -23.58
N2 A1AL3 D . -9.56 -19.85 -23.05
N3 A1AL3 D . -18.24 -17.53 -21.16
N4 A1AL3 D . -17.86 -16.65 -22.14
N5 A1AL3 D . -8.04 -15.88 -26.97
O1 A1AL3 D . -8.22 -23.83 -25.33
O2 A1AL3 D . -9.77 -25.24 -22.69
O3 A1AL3 D . -11.07 -18.31 -25.77
O4 A1AL3 D . -6.11 -14.87 -28.29
#